data_6T3C
#
_entry.id   6T3C
#
_cell.length_a   140.371
_cell.length_b   66.636
_cell.length_c   106.144
_cell.angle_alpha   90.000
_cell.angle_beta   96.400
_cell.angle_gamma   90.000
#
_symmetry.space_group_name_H-M   'C 1 2 1'
#
loop_
_entity.id
_entity.type
_entity.pdbx_description
1 polymer 'Phosphatidylinositol 4,5-bisphosphate 3-kinase catalytic subunit gamma isoform'
2 non-polymer 7-methyl-2-[(7-methyl-[1,2,4]triazolo[1,5-a]pyridin-6-yl)amino]-9-(oxan-4-yl)purin-8-one
#
_entity_poly.entity_id   1
_entity_poly.type   'polypeptide(L)'
_entity_poly.pdbx_seq_one_letter_code
;MSEESQAFQRQLTALIGYDVTDVSNVHDDELEFTRRGLVTPRMAEVASRDPKLYAMHPWVTSKPLPEYLWKKIANNCIFI
VIHRSTTSQTIKVSPDDTPGAILQSFFTKMAKKKSLMDIPESQSEQDFVLRVCGRDEYLVGETPIKNFQWVRHCLKNGEE
IHVVLDTPPDPALDEVRKEEWPLVDDCTGVTGYHEQLTIHGKDHESVFTVSLWDCDRKFRVKIRGIDIPVLPRNTDLTVF
VEANIQHGQQVLCQRRTSPKPFTEEVLWNVWLEFSIKIKDLPKGALLNLQIYCGKAPALSSKASAESPSSESKGKVQLLY
YVNLLLIDHRFLLRRGEYVLHMWQISGKGEDQGSFNADKLTSATNPDKENSMSISILLDNYCHPIALPKHQPTPDPEGDR
VRAEMPNQLRKQLEAIIATDPLNPLTAEDKELLWHFRYESLKHPKAYPKLFSSVKWGQQEIVAKTYQLLARREVWDQSAL
DVGLTMQLLDCNFSDENVRAIAVQKLESLEDDDVLHYLLQLVQAVKFEPYHDSALARFLLKRGLRNKRIGHFLFWFLRSE
IAQSRHYQQRFAVILEAYLRGCGTAMLHDFTQQVQVIEMLQKVTLDIKSLSAEKYDVSSQVISQLKQKLENLQNSQLPES
FRVPYDPGLKAGALAIEKCKVMASKKKPLWLEFKCADPTALSNETIGIIFKHGDDLRQDMLILQILRIMESIWETESLDL
CLLPYGCISTGDKIGMIEIVKDATTIAKIQQSTVGNTGAFKDEVLNHWLKEKSPTEEKFQAAVERFVYSCAGYCVATFVL
GIGDRHNDNIMITETGNLFHIDFGHILGNYKSFLGINKERVPFVLTPDFLFVMGTSGKKTSPHFQKFQDICVKAYLALRH
HTNLLIILFSMMLMTGMPQLTSKEDIEYIRDALTVGKNEEDAKKYFLDQIEVCRDKGWTVQFNWFLHLVLGIKQGEKHSA
HHHHHH
;
_entity_poly.pdbx_strand_id   A
#
loop_
_chem_comp.id
_chem_comp.type
_chem_comp.name
_chem_comp.formula
MBW non-polymer 7-methyl-2-[(7-methyl-[1,2,4]triazolo[1,5-a]pyridin-6-yl)amino]-9-(oxan-4-yl)purin-8-one 'C18 H20 N8 O2'
#
# COMPACT_ATOMS: atom_id res chain seq x y z
N GLU A 3 -30.78 5.32 -21.69
CA GLU A 3 -31.70 4.44 -20.98
C GLU A 3 -30.96 3.24 -20.36
N GLU A 4 -30.26 2.48 -21.21
CA GLU A 4 -29.42 1.35 -20.81
C GLU A 4 -28.05 1.90 -20.45
N SER A 5 -27.76 3.14 -20.90
CA SER A 5 -26.56 3.92 -20.60
C SER A 5 -26.62 4.34 -19.12
N GLN A 6 -27.84 4.77 -18.69
CA GLN A 6 -28.16 5.19 -17.31
C GLN A 6 -28.14 3.98 -16.32
N ALA A 7 -28.53 2.76 -16.80
CA ALA A 7 -28.52 1.54 -15.98
C ALA A 7 -27.09 1.04 -15.74
N PHE A 8 -26.22 1.30 -16.72
CA PHE A 8 -24.81 0.94 -16.68
C PHE A 8 -24.09 1.81 -15.66
N GLN A 9 -24.49 3.10 -15.54
CA GLN A 9 -23.92 4.04 -14.57
C GLN A 9 -24.25 3.63 -13.13
N ARG A 10 -25.47 3.08 -12.90
CA ARG A 10 -25.92 2.59 -11.60
C ARG A 10 -25.08 1.40 -11.18
N GLN A 11 -24.65 0.59 -12.18
CA GLN A 11 -23.77 -0.56 -11.99
C GLN A 11 -22.41 -0.08 -11.50
N LEU A 12 -21.87 0.92 -12.21
CA LEU A 12 -20.62 1.55 -11.87
C LEU A 12 -20.69 2.16 -10.47
N THR A 13 -21.78 2.87 -10.15
CA THR A 13 -21.99 3.48 -8.84
C THR A 13 -21.95 2.45 -7.72
N ALA A 14 -22.60 1.29 -7.95
CA ALA A 14 -22.61 0.20 -6.98
C ALA A 14 -21.20 -0.42 -6.86
N LEU A 15 -20.45 -0.49 -7.97
CA LEU A 15 -19.10 -1.06 -7.96
C LEU A 15 -18.13 -0.15 -7.25
N ILE A 16 -18.21 1.17 -7.55
CA ILE A 16 -17.32 2.22 -7.02
C ILE A 16 -17.61 2.49 -5.54
N GLY A 17 -18.90 2.60 -5.20
CA GLY A 17 -19.38 2.90 -3.86
C GLY A 17 -19.55 4.39 -3.72
N TYR A 18 -19.60 5.12 -4.87
CA TYR A 18 -19.80 6.55 -4.96
C TYR A 18 -20.34 6.91 -6.35
N ASP A 19 -21.33 7.84 -6.42
CA ASP A 19 -21.91 8.34 -7.68
C ASP A 19 -21.07 9.47 -8.25
N VAL A 20 -20.35 9.21 -9.35
CA VAL A 20 -19.46 10.18 -10.01
C VAL A 20 -20.21 11.30 -10.73
N THR A 21 -21.46 11.06 -11.07
CA THR A 21 -22.27 12.04 -11.79
C THR A 21 -22.76 13.15 -10.89
N ASP A 22 -22.78 12.90 -9.55
CA ASP A 22 -23.18 13.86 -8.52
C ASP A 22 -22.35 15.16 -8.63
N VAL A 23 -23.02 16.29 -8.57
CA VAL A 23 -22.36 17.59 -8.70
C VAL A 23 -22.79 18.56 -7.58
N SER A 24 -23.38 17.97 -6.49
CA SER A 24 -23.79 18.68 -5.28
C SER A 24 -22.55 19.11 -4.44
N ASN A 25 -21.41 18.37 -4.56
CA ASN A 25 -20.22 18.75 -3.80
C ASN A 25 -19.03 19.26 -4.67
N VAL A 26 -19.32 20.18 -5.60
CA VAL A 26 -18.30 20.79 -6.48
C VAL A 26 -18.51 22.28 -6.68
N HIS A 27 -17.43 23.02 -6.84
CA HIS A 27 -17.50 24.46 -7.07
C HIS A 27 -16.94 24.79 -8.45
N ASP A 28 -16.59 23.74 -9.22
CA ASP A 28 -16.05 23.85 -10.56
C ASP A 28 -16.28 22.56 -11.27
N ASP A 29 -15.78 22.45 -12.51
CA ASP A 29 -16.02 21.24 -13.31
C ASP A 29 -14.81 20.39 -13.46
N GLU A 30 -13.83 20.53 -12.53
CA GLU A 30 -12.57 19.78 -12.50
C GLU A 30 -12.80 18.29 -12.67
N LEU A 31 -13.68 17.71 -11.85
CA LEU A 31 -13.93 16.29 -11.90
C LEU A 31 -14.50 15.84 -13.25
N GLU A 32 -15.47 16.57 -13.76
CA GLU A 32 -16.12 16.29 -15.04
C GLU A 32 -15.14 16.44 -16.22
N PHE A 33 -14.27 17.45 -16.14
CA PHE A 33 -13.22 17.70 -17.10
C PHE A 33 -12.19 16.54 -17.05
N THR A 34 -11.96 15.96 -15.85
CA THR A 34 -11.05 14.85 -15.61
C THR A 34 -11.65 13.57 -16.14
N ARG A 35 -12.96 13.37 -15.90
CA ARG A 35 -13.72 12.22 -16.39
C ARG A 35 -13.53 12.14 -17.86
N ARG A 36 -13.78 13.29 -18.54
CA ARG A 36 -13.64 13.49 -19.98
C ARG A 36 -12.18 13.31 -20.40
N GLY A 37 -11.27 13.86 -19.61
CA GLY A 37 -9.84 13.80 -19.88
C GLY A 37 -9.27 12.40 -19.98
N LEU A 38 -9.78 11.48 -19.15
CA LEU A 38 -9.28 10.12 -19.03
C LEU A 38 -9.82 9.14 -20.08
N VAL A 39 -10.81 9.58 -20.89
CA VAL A 39 -11.42 8.80 -21.97
C VAL A 39 -10.36 8.37 -22.99
N THR A 40 -9.50 9.32 -23.41
CA THR A 40 -8.36 9.12 -24.32
C THR A 40 -7.37 8.05 -23.77
N PRO A 41 -6.77 8.21 -22.58
CA PRO A 41 -5.85 7.18 -22.06
C PRO A 41 -6.47 5.81 -21.91
N ARG A 42 -7.79 5.78 -21.65
CA ARG A 42 -8.54 4.55 -21.48
C ARG A 42 -8.68 3.85 -22.82
N MET A 43 -9.17 4.60 -23.81
CA MET A 43 -9.37 4.07 -25.15
C MET A 43 -8.05 3.67 -25.79
N ALA A 44 -6.99 4.45 -25.54
CA ALA A 44 -5.63 4.18 -26.01
C ALA A 44 -5.05 2.88 -25.49
N GLU A 45 -5.29 2.52 -24.20
CA GLU A 45 -4.74 1.29 -23.61
C GLU A 45 -5.56 0.05 -23.95
N VAL A 46 -6.89 0.17 -23.92
CA VAL A 46 -7.82 -0.88 -24.34
C VAL A 46 -7.46 -1.28 -25.83
N ALA A 47 -7.22 -0.27 -26.70
CA ALA A 47 -6.81 -0.50 -28.07
C ALA A 47 -5.44 -1.14 -28.20
N SER A 48 -4.45 -0.75 -27.42
CA SER A 48 -3.10 -1.28 -27.59
C SER A 48 -2.80 -2.65 -26.93
N ARG A 49 -3.66 -3.15 -26.03
CA ARG A 49 -3.36 -4.43 -25.35
C ARG A 49 -3.65 -5.66 -26.19
N ASP A 50 -2.75 -6.67 -26.09
CA ASP A 50 -2.89 -7.94 -26.79
C ASP A 50 -4.01 -8.70 -26.10
N PRO A 51 -5.09 -9.02 -26.88
CA PRO A 51 -6.27 -9.70 -26.30
C PRO A 51 -5.96 -10.98 -25.51
N LYS A 52 -5.12 -11.83 -26.12
CA LYS A 52 -4.69 -13.12 -25.63
C LYS A 52 -3.95 -13.01 -24.31
N LEU A 53 -2.90 -12.16 -24.26
CA LEU A 53 -2.12 -11.98 -23.03
C LEU A 53 -2.91 -11.28 -21.97
N TYR A 54 -3.82 -10.37 -22.36
CA TYR A 54 -4.68 -9.70 -21.39
C TYR A 54 -5.68 -10.69 -20.71
N ALA A 55 -6.19 -11.67 -21.51
CA ALA A 55 -7.13 -12.71 -21.05
C ALA A 55 -6.48 -13.71 -20.08
N MET A 56 -5.25 -14.15 -20.39
CA MET A 56 -4.49 -15.11 -19.62
C MET A 56 -3.64 -14.50 -18.50
N HIS A 57 -3.43 -13.18 -18.55
CA HIS A 57 -2.67 -12.40 -17.56
C HIS A 57 -1.43 -13.13 -17.03
N PRO A 58 -0.46 -13.58 -17.86
CA PRO A 58 0.70 -14.32 -17.29
C PRO A 58 1.49 -13.46 -16.32
N TRP A 59 1.85 -14.03 -15.17
CA TRP A 59 2.55 -13.31 -14.12
C TRP A 59 3.99 -13.68 -14.22
N VAL A 60 4.79 -12.76 -14.71
CA VAL A 60 6.20 -13.04 -14.95
C VAL A 60 7.12 -11.95 -14.40
N THR A 61 8.39 -12.33 -14.17
CA THR A 61 9.50 -11.48 -13.73
C THR A 61 10.71 -11.64 -14.64
N SER A 62 11.44 -10.54 -14.86
CA SER A 62 12.66 -10.56 -15.67
C SER A 62 13.89 -10.63 -14.74
N LYS A 63 13.68 -10.55 -13.40
CA LYS A 63 14.74 -10.60 -12.40
C LYS A 63 15.43 -11.96 -12.43
N PRO A 64 16.77 -12.02 -12.13
CA PRO A 64 17.46 -13.32 -12.11
C PRO A 64 16.91 -14.23 -11.00
N LEU A 65 16.91 -15.55 -11.22
CA LEU A 65 16.47 -16.48 -10.20
C LEU A 65 17.46 -16.42 -9.02
N PRO A 66 16.99 -16.21 -7.78
CA PRO A 66 17.94 -16.08 -6.65
C PRO A 66 18.78 -17.34 -6.38
N GLU A 67 19.95 -17.17 -5.71
CA GLU A 67 20.91 -18.25 -5.41
C GLU A 67 20.32 -19.40 -4.62
N TYR A 68 19.42 -19.10 -3.66
CA TYR A 68 18.76 -20.10 -2.82
C TYR A 68 17.82 -21.00 -3.59
N LEU A 69 17.22 -20.50 -4.69
CA LEU A 69 16.35 -21.28 -5.55
C LEU A 69 17.15 -22.12 -6.56
N TRP A 70 18.36 -21.64 -6.95
CA TRP A 70 19.29 -22.35 -7.84
C TRP A 70 19.76 -23.60 -7.07
N LYS A 71 19.93 -23.47 -5.74
CA LYS A 71 20.36 -24.55 -4.85
C LYS A 71 19.30 -25.64 -4.74
N LYS A 72 18.02 -25.29 -4.95
CA LYS A 72 16.87 -26.20 -4.86
C LYS A 72 16.55 -26.92 -6.17
N ILE A 73 17.34 -26.65 -7.22
CA ILE A 73 17.16 -27.28 -8.52
C ILE A 73 18.42 -28.09 -8.90
N ALA A 74 18.23 -29.40 -8.98
CA ALA A 74 19.28 -30.35 -9.30
C ALA A 74 19.26 -30.77 -10.77
N ASN A 75 20.47 -30.96 -11.35
CA ASN A 75 20.71 -31.38 -12.73
C ASN A 75 20.05 -30.47 -13.77
N ASN A 76 19.95 -29.15 -13.47
CA ASN A 76 19.35 -28.13 -14.35
C ASN A 76 18.04 -28.67 -14.94
N CYS A 77 17.23 -29.30 -14.07
CA CYS A 77 15.99 -29.98 -14.42
C CYS A 77 14.89 -29.69 -13.41
N ILE A 78 13.74 -29.28 -13.93
CA ILE A 78 12.54 -29.01 -13.15
C ILE A 78 11.48 -29.97 -13.62
N PHE A 79 10.73 -30.51 -12.68
CA PHE A 79 9.64 -31.44 -12.96
C PHE A 79 8.27 -30.75 -12.91
N ILE A 80 7.45 -30.99 -13.96
CA ILE A 80 6.11 -30.44 -14.07
C ILE A 80 5.11 -31.59 -14.29
N VAL A 81 4.11 -31.69 -13.42
CA VAL A 81 3.06 -32.71 -13.54
C VAL A 81 1.95 -32.14 -14.44
N ILE A 82 1.72 -32.76 -15.62
CA ILE A 82 0.70 -32.29 -16.55
C ILE A 82 -0.53 -33.17 -16.45
N HIS A 83 -1.67 -32.56 -16.09
CA HIS A 83 -2.96 -33.22 -15.88
C HIS A 83 -3.93 -33.00 -17.01
N ARG A 84 -4.86 -33.96 -17.17
CA ARG A 84 -5.97 -33.96 -18.13
C ARG A 84 -6.96 -35.07 -17.73
N SER A 85 -8.09 -34.63 -17.13
CA SER A 85 -9.20 -35.48 -16.66
C SER A 85 -8.77 -36.51 -15.59
N THR A 86 -8.22 -37.65 -16.02
CA THR A 86 -7.81 -38.74 -15.13
C THR A 86 -6.31 -39.08 -15.25
N THR A 87 -5.68 -38.69 -16.37
CA THR A 87 -4.28 -38.97 -16.61
C THR A 87 -3.37 -37.79 -16.33
N SER A 88 -2.25 -38.07 -15.64
CA SER A 88 -1.23 -37.11 -15.30
C SER A 88 0.16 -37.72 -15.43
N GLN A 89 1.05 -37.00 -16.14
CA GLN A 89 2.43 -37.45 -16.32
C GLN A 89 3.42 -36.35 -15.97
N THR A 90 4.58 -36.75 -15.45
CA THR A 90 5.65 -35.84 -15.07
C THR A 90 6.64 -35.68 -16.20
N ILE A 91 6.93 -34.43 -16.60
CA ILE A 91 7.87 -34.13 -17.68
C ILE A 91 9.10 -33.39 -17.16
N LYS A 92 10.30 -33.86 -17.56
CA LYS A 92 11.60 -33.28 -17.23
C LYS A 92 11.74 -32.08 -18.14
N VAL A 93 11.74 -30.88 -17.54
CA VAL A 93 11.80 -29.60 -18.24
C VAL A 93 13.06 -28.82 -17.81
N SER A 94 13.72 -28.16 -18.76
CA SER A 94 14.88 -27.33 -18.44
C SER A 94 14.39 -25.95 -17.96
N PRO A 95 15.12 -25.26 -17.05
CA PRO A 95 14.65 -23.94 -16.56
C PRO A 95 14.44 -22.88 -17.64
N ASP A 96 15.09 -23.05 -18.79
CA ASP A 96 15.02 -22.10 -19.88
C ASP A 96 13.90 -22.38 -20.87
N ASP A 97 13.19 -23.52 -20.72
CA ASP A 97 12.09 -23.94 -21.61
C ASP A 97 10.86 -23.04 -21.54
N THR A 98 10.40 -22.63 -22.72
CA THR A 98 9.22 -21.79 -22.89
C THR A 98 7.97 -22.68 -22.89
N PRO A 99 6.87 -22.24 -22.25
CA PRO A 99 5.61 -23.03 -22.27
C PRO A 99 5.18 -23.51 -23.64
N GLY A 100 5.53 -22.75 -24.70
CA GLY A 100 5.23 -23.10 -26.09
C GLY A 100 5.99 -24.34 -26.53
N ALA A 101 7.26 -24.46 -26.08
CA ALA A 101 8.14 -25.59 -26.36
C ALA A 101 7.78 -26.81 -25.53
N ILE A 102 7.35 -26.60 -24.28
CA ILE A 102 6.94 -27.67 -23.34
C ILE A 102 5.64 -28.34 -23.81
N LEU A 103 4.74 -27.55 -24.43
CA LEU A 103 3.46 -27.99 -24.99
C LEU A 103 3.70 -28.89 -26.23
N GLN A 104 4.82 -28.66 -26.95
CA GLN A 104 5.25 -29.46 -28.11
C GLN A 104 5.78 -30.81 -27.65
N SER A 105 6.33 -30.87 -26.41
CA SER A 105 6.81 -32.10 -25.80
C SER A 105 5.62 -32.96 -25.39
N PHE A 106 4.49 -32.34 -25.01
CA PHE A 106 3.24 -33.05 -24.70
C PHE A 106 2.39 -33.07 -26.02
N PHE A 107 3.04 -33.45 -27.11
CA PHE A 107 2.48 -33.57 -28.46
C PHE A 107 3.32 -34.56 -29.25
N THR A 108 4.60 -34.72 -28.87
CA THR A 108 5.54 -35.67 -29.46
C THR A 108 5.67 -36.89 -28.55
N LYS A 109 5.68 -36.66 -27.21
CA LYS A 109 5.77 -37.72 -26.19
C LYS A 109 4.41 -38.37 -25.83
N MET A 110 3.32 -37.91 -26.47
CA MET A 110 1.95 -38.40 -26.30
C MET A 110 1.52 -38.60 -24.83
N ASP A 127 -4.20 -25.62 -30.65
CA ASP A 127 -3.30 -25.44 -29.52
C ASP A 127 -4.04 -25.19 -28.21
N PHE A 128 -3.66 -25.96 -27.17
CA PHE A 128 -4.20 -25.82 -25.82
C PHE A 128 -3.24 -24.97 -25.00
N VAL A 129 -3.55 -24.79 -23.72
CA VAL A 129 -2.78 -23.96 -22.81
C VAL A 129 -2.56 -24.65 -21.44
N LEU A 130 -1.43 -24.31 -20.80
CA LEU A 130 -1.02 -24.82 -19.50
C LEU A 130 -1.52 -23.91 -18.36
N ARG A 131 -2.57 -24.33 -17.67
CA ARG A 131 -3.12 -23.57 -16.57
C ARG A 131 -2.79 -24.26 -15.27
N VAL A 132 -2.40 -23.50 -14.25
CA VAL A 132 -2.12 -24.03 -12.92
C VAL A 132 -3.36 -24.71 -12.34
N CYS A 133 -3.16 -25.87 -11.69
CA CYS A 133 -4.24 -26.66 -11.11
C CYS A 133 -4.96 -25.96 -9.97
N GLY A 134 -6.27 -25.76 -10.15
CA GLY A 134 -7.16 -25.14 -9.17
C GLY A 134 -7.02 -23.65 -8.98
N ARG A 135 -6.42 -22.97 -9.97
CA ARG A 135 -6.17 -21.53 -9.95
C ARG A 135 -6.33 -20.95 -11.33
N ASP A 136 -6.74 -19.68 -11.41
CA ASP A 136 -6.85 -18.98 -12.67
C ASP A 136 -5.53 -18.28 -12.89
N GLU A 137 -4.52 -19.10 -13.20
CA GLU A 137 -3.14 -18.71 -13.45
C GLU A 137 -2.61 -19.56 -14.59
N TYR A 138 -2.19 -18.93 -15.66
CA TYR A 138 -1.73 -19.59 -16.88
C TYR A 138 -0.25 -19.44 -17.06
N LEU A 139 0.39 -20.47 -17.63
CA LEU A 139 1.81 -20.46 -17.95
C LEU A 139 1.95 -20.36 -19.47
N VAL A 140 1.91 -19.11 -20.01
CA VAL A 140 1.95 -18.78 -21.44
C VAL A 140 2.89 -17.64 -21.79
N GLY A 141 3.14 -17.47 -23.09
CA GLY A 141 3.98 -16.42 -23.64
C GLY A 141 5.45 -16.76 -23.75
N GLU A 142 6.20 -15.92 -24.50
CA GLU A 142 7.65 -16.07 -24.72
C GLU A 142 8.43 -15.65 -23.47
N THR A 143 8.46 -16.57 -22.49
CA THR A 143 9.11 -16.40 -21.19
C THR A 143 9.58 -17.76 -20.70
N PRO A 144 10.86 -17.89 -20.30
CA PRO A 144 11.35 -19.17 -19.72
C PRO A 144 10.60 -19.49 -18.43
N ILE A 145 10.26 -20.77 -18.18
CA ILE A 145 9.47 -21.15 -16.99
C ILE A 145 10.06 -20.66 -15.67
N LYS A 146 11.41 -20.56 -15.61
CA LYS A 146 12.10 -20.05 -14.41
C LYS A 146 11.66 -18.61 -14.10
N ASN A 147 11.11 -17.90 -15.09
CA ASN A 147 10.67 -16.51 -14.95
C ASN A 147 9.17 -16.37 -14.66
N PHE A 148 8.46 -17.49 -14.38
CA PHE A 148 7.05 -17.49 -13.98
C PHE A 148 7.02 -17.49 -12.48
N GLN A 149 6.22 -16.58 -11.91
CA GLN A 149 6.16 -16.37 -10.46
C GLN A 149 5.68 -17.58 -9.72
N TRP A 150 4.66 -18.26 -10.24
CA TRP A 150 4.11 -19.48 -9.66
C TRP A 150 5.19 -20.59 -9.58
N VAL A 151 6.03 -20.74 -10.63
CA VAL A 151 7.14 -21.70 -10.62
C VAL A 151 8.10 -21.34 -9.46
N ARG A 152 8.48 -20.05 -9.35
CA ARG A 152 9.37 -19.56 -8.29
C ARG A 152 8.77 -19.83 -6.93
N HIS A 153 7.43 -19.63 -6.82
CA HIS A 153 6.65 -19.84 -5.61
C HIS A 153 6.74 -21.30 -5.18
N CYS A 154 6.59 -22.23 -6.12
CA CYS A 154 6.62 -23.67 -5.87
C CYS A 154 7.98 -24.14 -5.38
N LEU A 155 9.06 -23.68 -6.04
CA LEU A 155 10.45 -24.00 -5.68
C LEU A 155 10.78 -23.47 -4.29
N LYS A 156 10.29 -22.28 -3.94
CA LYS A 156 10.46 -21.61 -2.66
C LYS A 156 9.92 -22.46 -1.51
N ASN A 157 8.69 -22.99 -1.65
CA ASN A 157 8.03 -23.78 -0.61
C ASN A 157 8.27 -25.30 -0.71
N GLY A 158 9.02 -25.71 -1.76
CA GLY A 158 9.32 -27.10 -2.05
C GLY A 158 8.07 -27.85 -2.41
N GLU A 159 7.42 -27.41 -3.50
CA GLU A 159 6.18 -27.98 -3.98
C GLU A 159 6.25 -28.35 -5.44
N GLU A 160 5.56 -29.44 -5.78
CA GLU A 160 5.49 -29.94 -7.14
C GLU A 160 4.60 -29.04 -8.00
N ILE A 161 5.06 -28.68 -9.21
CA ILE A 161 4.28 -27.83 -10.12
C ILE A 161 3.21 -28.66 -10.83
N HIS A 162 1.95 -28.47 -10.46
CA HIS A 162 0.83 -29.18 -11.09
C HIS A 162 0.13 -28.27 -12.06
N VAL A 163 0.07 -28.71 -13.31
CA VAL A 163 -0.55 -27.94 -14.38
C VAL A 163 -1.60 -28.78 -15.11
N VAL A 164 -2.59 -28.13 -15.69
CA VAL A 164 -3.64 -28.80 -16.42
C VAL A 164 -3.64 -28.34 -17.89
N LEU A 165 -3.91 -29.27 -18.80
CA LEU A 165 -3.97 -28.99 -20.23
C LEU A 165 -5.43 -28.68 -20.64
N ASP A 166 -5.77 -27.36 -20.79
CA ASP A 166 -7.12 -26.95 -21.19
C ASP A 166 -7.11 -25.75 -22.15
N THR A 167 -8.31 -25.37 -22.62
CA THR A 167 -8.56 -24.33 -23.59
C THR A 167 -8.17 -22.94 -23.11
N PRO A 168 -7.49 -22.11 -23.96
CA PRO A 168 -7.25 -20.71 -23.59
C PRO A 168 -8.60 -19.94 -23.48
N PRO A 169 -8.75 -19.01 -22.51
CA PRO A 169 -10.04 -18.31 -22.38
C PRO A 169 -10.27 -17.33 -23.51
N ASP A 170 -11.54 -17.19 -23.91
CA ASP A 170 -11.97 -16.34 -25.00
C ASP A 170 -11.83 -14.81 -24.75
N PRO A 171 -10.95 -14.13 -25.53
CA PRO A 171 -10.81 -12.67 -25.41
C PRO A 171 -12.07 -11.85 -25.72
N ALA A 172 -13.10 -12.50 -26.28
CA ALA A 172 -14.39 -11.85 -26.57
C ALA A 172 -15.04 -11.42 -25.22
N LEU A 173 -14.82 -12.23 -24.14
CA LEU A 173 -15.35 -12.00 -22.79
C LEU A 173 -14.85 -10.68 -22.19
N ASP A 174 -13.71 -10.17 -22.69
CA ASP A 174 -13.11 -8.91 -22.29
C ASP A 174 -13.67 -7.73 -23.06
N GLU A 175 -14.92 -7.88 -23.55
CA GLU A 175 -15.65 -6.87 -24.34
C GLU A 175 -15.80 -5.55 -23.56
N VAL A 176 -15.58 -4.44 -24.27
CA VAL A 176 -15.70 -3.12 -23.69
C VAL A 176 -16.88 -2.43 -24.38
N ARG A 177 -17.87 -1.93 -23.61
CA ARG A 177 -19.04 -1.24 -24.17
C ARG A 177 -18.63 0.02 -24.97
N LYS A 178 -19.16 0.14 -26.19
CA LYS A 178 -18.88 1.23 -27.13
C LYS A 178 -19.39 2.58 -26.63
N GLU A 179 -18.82 3.69 -27.14
CA GLU A 179 -19.22 5.05 -26.78
C GLU A 179 -19.61 5.92 -27.96
N CYS A 215 0.85 41.69 -16.04
CA CYS A 215 -0.01 41.53 -14.88
C CYS A 215 0.76 41.65 -13.53
N ASP A 216 1.16 42.90 -13.18
CA ASP A 216 1.94 43.24 -11.98
C ASP A 216 1.16 43.45 -10.66
N ARG A 217 -0.18 43.39 -10.72
CA ARG A 217 -1.04 43.55 -9.55
C ARG A 217 -0.71 42.49 -8.44
N LYS A 218 -0.82 42.91 -7.17
CA LYS A 218 -0.63 42.00 -6.05
C LYS A 218 -1.91 41.14 -5.88
N PHE A 219 -1.77 39.87 -5.49
CA PHE A 219 -2.94 39.03 -5.29
C PHE A 219 -3.73 39.42 -4.02
N ARG A 220 -5.06 39.33 -4.08
CA ARG A 220 -5.91 39.61 -2.93
C ARG A 220 -7.17 38.75 -2.91
N VAL A 221 -7.64 38.43 -1.69
CA VAL A 221 -8.84 37.64 -1.45
C VAL A 221 -9.69 38.28 -0.37
N LYS A 222 -11.00 38.44 -0.66
CA LYS A 222 -11.94 39.02 0.26
C LYS A 222 -12.56 37.91 1.11
N ILE A 223 -12.43 38.03 2.43
CA ILE A 223 -13.06 37.10 3.37
C ILE A 223 -14.39 37.74 3.84
N ARG A 224 -15.48 37.19 3.38
CA ARG A 224 -16.79 37.72 3.72
C ARG A 224 -17.18 37.34 5.16
N GLY A 225 -17.10 36.03 5.46
CA GLY A 225 -17.42 35.51 6.77
C GLY A 225 -17.47 34.00 6.85
N ILE A 226 -17.70 33.48 8.06
CA ILE A 226 -17.84 32.06 8.41
C ILE A 226 -19.15 31.82 9.16
N ASP A 227 -19.64 30.58 9.17
CA ASP A 227 -20.87 30.24 9.88
C ASP A 227 -21.04 28.77 10.20
N ILE A 228 -21.36 28.49 11.46
CA ILE A 228 -21.63 27.16 12.00
C ILE A 228 -23.04 27.10 12.60
N PRO A 229 -23.85 26.07 12.27
CA PRO A 229 -25.20 25.98 12.84
C PRO A 229 -25.21 25.84 14.37
N VAL A 230 -24.36 24.93 14.92
CA VAL A 230 -24.23 24.68 16.36
C VAL A 230 -22.76 24.63 16.76
N LEU A 231 -22.34 25.57 17.61
CA LEU A 231 -20.98 25.70 18.12
C LEU A 231 -20.82 24.91 19.42
N ASP A 236 -17.42 31.84 25.31
CA ASP A 236 -17.22 33.19 24.78
C ASP A 236 -15.78 33.40 24.26
N LEU A 237 -15.30 32.47 23.42
CA LEU A 237 -13.96 32.55 22.83
C LEU A 237 -13.95 33.43 21.57
N THR A 238 -12.76 33.91 21.17
CA THR A 238 -12.59 34.72 19.96
C THR A 238 -12.15 33.82 18.82
N VAL A 239 -12.29 34.28 17.58
CA VAL A 239 -11.94 33.49 16.39
C VAL A 239 -11.37 34.33 15.27
N PHE A 240 -10.47 33.74 14.49
CA PHE A 240 -9.89 34.39 13.33
C PHE A 240 -9.63 33.41 12.17
N VAL A 241 -9.61 33.97 10.97
CA VAL A 241 -9.36 33.24 9.74
C VAL A 241 -7.94 33.53 9.27
N GLU A 242 -7.22 32.46 8.91
CA GLU A 242 -5.88 32.54 8.36
C GLU A 242 -5.92 32.12 6.91
N ALA A 243 -5.25 32.87 6.06
CA ALA A 243 -5.20 32.58 4.64
C ALA A 243 -3.74 32.37 4.26
N ASN A 244 -3.49 31.31 3.51
CA ASN A 244 -2.13 30.95 3.09
C ASN A 244 -2.08 30.67 1.63
N ILE A 245 -0.99 31.06 1.00
CA ILE A 245 -0.71 30.74 -0.40
C ILE A 245 0.34 29.66 -0.28
N GLN A 246 -0.05 28.40 -0.53
CA GLN A 246 0.82 27.22 -0.41
C GLN A 246 1.16 26.62 -1.74
N HIS A 247 2.42 26.20 -1.86
CA HIS A 247 2.90 25.48 -3.04
C HIS A 247 3.79 24.42 -2.53
N GLY A 248 3.25 23.21 -2.44
CA GLY A 248 3.99 22.03 -1.98
C GLY A 248 4.55 22.15 -0.58
N GLN A 249 3.61 22.41 0.37
CA GLN A 249 3.88 22.56 1.81
C GLN A 249 4.44 23.92 2.13
N GLN A 250 5.38 24.42 1.28
CA GLN A 250 6.01 25.75 1.35
C GLN A 250 4.96 26.86 1.27
N VAL A 251 4.92 27.71 2.32
CA VAL A 251 4.01 28.82 2.39
C VAL A 251 4.66 30.02 1.77
N LEU A 252 4.14 30.44 0.63
CA LEU A 252 4.66 31.57 -0.13
C LEU A 252 4.33 32.92 0.47
N CYS A 253 3.09 33.04 1.01
CA CYS A 253 2.57 34.25 1.63
C CYS A 253 1.49 33.89 2.60
N GLN A 254 1.44 34.56 3.74
CA GLN A 254 0.42 34.35 4.77
C GLN A 254 -0.26 35.68 5.20
N ARG A 255 -1.60 35.66 5.30
CA ARG A 255 -2.39 36.81 5.80
C ARG A 255 -3.43 36.36 6.85
N ARG A 256 -3.70 37.23 7.85
CA ARG A 256 -4.65 36.96 8.93
C ARG A 256 -5.77 37.98 9.00
N THR A 257 -6.91 37.60 9.59
CA THR A 257 -8.00 38.56 9.83
C THR A 257 -7.96 39.01 11.31
N SER A 258 -8.79 40.04 11.64
CA SER A 258 -8.91 40.51 13.00
C SER A 258 -9.73 39.50 13.81
N PRO A 259 -9.38 39.22 15.08
CA PRO A 259 -10.16 38.25 15.85
C PRO A 259 -11.52 38.82 16.30
N LYS A 260 -12.60 38.11 15.97
CA LYS A 260 -13.96 38.50 16.32
C LYS A 260 -14.58 37.45 17.27
N PRO A 261 -15.59 37.82 18.10
CA PRO A 261 -16.19 36.83 19.01
C PRO A 261 -16.84 35.70 18.23
N PHE A 262 -16.47 34.46 18.58
CA PHE A 262 -16.94 33.24 17.93
C PHE A 262 -18.41 32.98 18.19
N THR A 263 -19.21 33.18 17.13
CA THR A 263 -20.66 32.99 17.15
C THR A 263 -21.08 32.01 16.04
N GLU A 264 -22.38 31.87 15.82
CA GLU A 264 -22.97 31.01 14.82
C GLU A 264 -22.74 31.59 13.42
N GLU A 265 -22.40 32.88 13.34
CA GLU A 265 -22.13 33.56 12.09
C GLU A 265 -21.19 34.71 12.39
N VAL A 266 -20.04 34.73 11.71
CA VAL A 266 -19.01 35.75 11.88
C VAL A 266 -18.70 36.41 10.55
N LEU A 267 -18.89 37.75 10.47
CA LEU A 267 -18.68 38.55 9.26
C LEU A 267 -17.48 39.49 9.35
N TRP A 268 -16.74 39.62 8.26
CA TRP A 268 -15.56 40.47 8.23
C TRP A 268 -15.60 41.50 7.12
N ASN A 269 -15.98 41.04 5.90
CA ASN A 269 -15.99 41.77 4.64
C ASN A 269 -14.63 42.43 4.42
N VAL A 270 -13.53 41.67 4.62
CA VAL A 270 -12.16 42.19 4.57
C VAL A 270 -11.38 41.72 3.37
N TRP A 271 -10.76 42.68 2.65
CA TRP A 271 -9.86 42.39 1.54
C TRP A 271 -8.51 42.09 2.12
N LEU A 272 -8.04 40.83 1.96
CA LEU A 272 -6.73 40.37 2.41
C LEU A 272 -5.74 40.49 1.27
N GLU A 273 -4.97 41.58 1.26
CA GLU A 273 -3.95 41.80 0.23
C GLU A 273 -2.68 40.99 0.57
N PHE A 274 -2.23 40.15 -0.37
CA PHE A 274 -1.01 39.35 -0.22
C PHE A 274 0.19 40.04 -0.81
N SER A 275 1.41 39.65 -0.35
CA SER A 275 2.68 40.21 -0.85
C SER A 275 3.02 39.69 -2.23
N ILE A 276 2.60 38.48 -2.53
CA ILE A 276 2.85 37.82 -3.81
C ILE A 276 2.01 38.45 -4.91
N LYS A 277 2.63 38.69 -6.06
CA LYS A 277 1.96 39.26 -7.23
C LYS A 277 1.17 38.17 -7.96
N ILE A 278 0.20 38.57 -8.82
CA ILE A 278 -0.62 37.64 -9.61
C ILE A 278 0.25 36.80 -10.52
N LYS A 279 1.19 37.46 -11.23
CA LYS A 279 2.12 36.82 -12.17
C LYS A 279 3.08 35.81 -11.52
N ASP A 280 3.42 36.05 -10.24
CA ASP A 280 4.31 35.20 -9.46
C ASP A 280 3.60 33.92 -8.96
N LEU A 281 2.26 33.81 -9.10
CA LEU A 281 1.56 32.60 -8.69
C LEU A 281 1.96 31.48 -9.61
N PRO A 282 2.38 30.31 -9.03
CA PRO A 282 2.72 29.14 -9.88
C PRO A 282 1.52 28.23 -10.04
N LYS A 283 1.49 27.42 -11.11
CA LYS A 283 0.38 26.46 -11.27
C LYS A 283 0.49 25.40 -10.17
N GLY A 284 -0.62 25.09 -9.53
CA GLY A 284 -0.64 24.11 -8.46
C GLY A 284 -0.63 24.72 -7.06
N ALA A 285 -0.58 26.06 -7.00
CA ALA A 285 -0.68 26.84 -5.76
C ALA A 285 -2.11 26.79 -5.18
N LEU A 286 -2.16 26.69 -3.86
CA LEU A 286 -3.36 26.58 -3.04
C LEU A 286 -3.58 27.77 -2.13
N LEU A 287 -4.84 28.16 -1.99
CA LEU A 287 -5.32 29.15 -1.06
C LEU A 287 -5.84 28.26 0.07
N ASN A 288 -5.01 28.16 1.12
CA ASN A 288 -5.35 27.37 2.32
C ASN A 288 -6.04 28.31 3.30
N LEU A 289 -7.31 28.03 3.61
CA LEU A 289 -8.07 28.83 4.55
C LEU A 289 -8.21 28.06 5.82
N GLN A 290 -7.82 28.67 6.94
CA GLN A 290 -7.88 28.02 8.26
C GLN A 290 -8.59 28.84 9.36
N ILE A 291 -9.33 28.16 10.27
CA ILE A 291 -10.01 28.79 11.37
C ILE A 291 -9.40 28.40 12.72
N TYR A 292 -8.84 29.41 13.42
CA TYR A 292 -8.23 29.26 14.73
C TYR A 292 -9.07 29.95 15.73
N CYS A 293 -9.34 29.29 16.87
CA CYS A 293 -10.12 29.90 17.95
C CYS A 293 -9.27 30.78 18.88
N VAL A 316 -3.93 29.42 21.02
CA VAL A 316 -4.75 29.34 19.80
C VAL A 316 -4.73 27.94 19.16
N GLN A 317 -5.95 27.36 18.94
CA GLN A 317 -6.11 26.03 18.35
C GLN A 317 -6.82 26.03 17.01
N LEU A 318 -6.26 25.30 16.03
CA LEU A 318 -6.85 25.14 14.70
C LEU A 318 -8.08 24.22 14.78
N LEU A 319 -9.20 24.65 14.12
CA LEU A 319 -10.46 23.93 14.12
C LEU A 319 -10.96 23.47 12.73
N TYR A 320 -10.93 24.38 11.75
CA TYR A 320 -11.43 24.06 10.43
C TYR A 320 -10.48 24.51 9.37
N TYR A 321 -10.41 23.74 8.29
CA TYR A 321 -9.55 24.06 7.14
C TYR A 321 -10.28 23.75 5.85
N VAL A 322 -9.85 24.42 4.76
CA VAL A 322 -10.35 24.19 3.42
C VAL A 322 -9.34 24.73 2.40
N ASN A 323 -9.27 24.08 1.24
CA ASN A 323 -8.33 24.48 0.20
C ASN A 323 -8.98 24.85 -1.09
N LEU A 324 -8.37 25.85 -1.78
CA LEU A 324 -8.85 26.28 -3.09
C LEU A 324 -7.68 26.52 -4.00
N LEU A 325 -7.68 25.88 -5.15
CA LEU A 325 -6.60 26.04 -6.12
C LEU A 325 -6.76 27.39 -6.79
N LEU A 326 -5.76 28.24 -6.68
CA LEU A 326 -5.81 29.58 -7.26
C LEU A 326 -5.75 29.58 -8.78
N ILE A 327 -5.11 28.59 -9.38
CA ILE A 327 -5.05 28.41 -10.83
C ILE A 327 -5.69 27.08 -11.11
N ASP A 328 -6.81 27.09 -11.85
CA ASP A 328 -7.60 25.91 -12.15
C ASP A 328 -6.96 24.97 -13.19
N HIS A 329 -7.65 23.85 -13.46
CA HIS A 329 -7.24 22.81 -14.40
C HIS A 329 -7.14 23.29 -15.84
N ARG A 330 -7.66 24.51 -16.13
CA ARG A 330 -7.63 25.13 -17.45
C ARG A 330 -6.57 26.21 -17.54
N PHE A 331 -5.64 26.25 -16.55
CA PHE A 331 -4.58 27.25 -16.48
C PHE A 331 -5.14 28.68 -16.24
N LEU A 332 -6.43 28.79 -15.88
CA LEU A 332 -7.10 30.04 -15.60
C LEU A 332 -7.06 30.44 -14.12
N LEU A 333 -6.75 31.72 -13.81
CA LEU A 333 -6.79 32.26 -12.46
C LEU A 333 -8.24 32.28 -11.96
N ARG A 334 -8.46 31.66 -10.79
CA ARG A 334 -9.74 31.54 -10.11
C ARG A 334 -10.35 32.89 -9.69
N ARG A 335 -11.60 33.14 -10.13
CA ARG A 335 -12.38 34.34 -9.90
C ARG A 335 -13.74 33.95 -9.30
N GLY A 336 -14.56 34.95 -8.96
CA GLY A 336 -15.92 34.76 -8.46
C GLY A 336 -16.13 34.49 -6.98
N GLU A 337 -17.42 34.23 -6.63
CA GLU A 337 -17.85 33.93 -5.27
C GLU A 337 -17.68 32.45 -4.97
N TYR A 338 -17.23 32.14 -3.75
CA TYR A 338 -17.05 30.75 -3.32
C TYR A 338 -17.56 30.53 -1.92
N VAL A 339 -18.40 29.48 -1.74
CA VAL A 339 -18.89 29.11 -0.42
C VAL A 339 -18.38 27.73 -0.21
N LEU A 340 -17.31 27.60 0.63
CA LEU A 340 -16.63 26.35 0.87
C LEU A 340 -16.91 25.77 2.22
N HIS A 341 -17.49 24.54 2.25
CA HIS A 341 -17.71 23.80 3.48
C HIS A 341 -16.37 23.11 3.89
N MET A 342 -15.93 23.47 5.09
CA MET A 342 -14.65 23.13 5.67
C MET A 342 -14.64 21.86 6.44
N TRP A 343 -13.41 21.33 6.61
CA TRP A 343 -13.12 20.10 7.31
C TRP A 343 -12.78 20.37 8.77
N GLN A 344 -13.26 19.48 9.68
CA GLN A 344 -12.97 19.60 11.11
C GLN A 344 -11.63 18.88 11.48
N ILE A 345 -11.08 19.18 12.66
CA ILE A 345 -9.84 18.60 13.19
C ILE A 345 -10.17 17.59 14.32
N SER A 346 -9.43 16.45 14.35
CA SER A 346 -9.61 15.37 15.34
C SER A 346 -9.23 15.80 16.76
N PHE A 355 2.58 16.36 8.06
CA PHE A 355 1.43 15.98 8.89
C PHE A 355 0.47 14.95 8.24
N ASN A 356 -0.58 15.42 7.54
CA ASN A 356 -1.62 14.57 6.99
C ASN A 356 -2.00 14.96 5.55
N ALA A 357 -2.06 13.96 4.66
CA ALA A 357 -2.43 14.13 3.27
C ALA A 357 -3.84 14.76 3.12
N ASP A 358 -4.76 14.46 4.08
CA ASP A 358 -6.13 15.00 4.14
C ASP A 358 -6.17 16.51 4.22
N LYS A 359 -5.10 17.12 4.74
CA LYS A 359 -5.02 18.57 4.87
C LYS A 359 -4.73 19.27 3.55
N LEU A 360 -4.36 18.52 2.49
CA LEU A 360 -4.03 19.15 1.20
C LEU A 360 -5.16 19.08 0.20
N THR A 361 -6.21 18.29 0.50
CA THR A 361 -7.31 18.05 -0.42
C THR A 361 -7.95 19.29 -1.03
N SER A 362 -8.22 19.24 -2.34
CA SER A 362 -8.93 20.37 -2.99
C SER A 362 -10.48 20.23 -2.81
N ALA A 363 -10.92 19.07 -2.32
CA ALA A 363 -12.29 18.74 -2.07
C ALA A 363 -12.86 19.47 -0.89
N THR A 364 -14.21 19.74 -0.95
CA THR A 364 -14.96 20.39 0.12
C THR A 364 -15.82 19.37 0.84
N ASN A 365 -16.13 19.68 2.11
CA ASN A 365 -16.89 18.81 2.99
C ASN A 365 -18.31 18.54 2.46
N PRO A 366 -18.60 17.24 2.19
CA PRO A 366 -19.93 16.85 1.71
C PRO A 366 -21.03 17.04 2.74
N ASP A 367 -20.69 17.07 4.05
CA ASP A 367 -21.65 17.33 5.12
C ASP A 367 -22.00 18.84 5.15
N LYS A 368 -23.09 19.24 4.51
CA LYS A 368 -23.44 20.66 4.44
C LYS A 368 -24.22 21.13 5.66
N GLU A 369 -25.07 20.25 6.19
CA GLU A 369 -25.95 20.58 7.31
C GLU A 369 -25.22 20.91 8.61
N ASN A 370 -24.07 20.26 8.86
CA ASN A 370 -23.38 20.38 10.13
C ASN A 370 -22.07 21.10 10.11
N SER A 371 -21.37 21.09 8.97
CA SER A 371 -20.05 21.70 8.88
C SER A 371 -20.05 23.23 8.80
N MET A 372 -18.93 23.78 9.23
CA MET A 372 -18.58 25.18 9.15
C MET A 372 -18.23 25.49 7.68
N SER A 373 -18.54 26.69 7.21
CA SER A 373 -18.27 27.09 5.84
C SER A 373 -17.82 28.53 5.79
N ILE A 374 -16.98 28.84 4.82
CA ILE A 374 -16.41 30.17 4.62
C ILE A 374 -16.82 30.76 3.28
N SER A 375 -17.12 32.07 3.28
CA SER A 375 -17.55 32.84 2.12
C SER A 375 -16.48 33.76 1.69
N ILE A 376 -16.02 33.63 0.45
CA ILE A 376 -14.91 34.42 -0.11
C ILE A 376 -15.27 35.05 -1.45
N LEU A 377 -14.46 36.02 -1.88
CA LEU A 377 -14.61 36.66 -3.16
C LEU A 377 -13.25 36.89 -3.83
N LEU A 378 -13.18 36.50 -5.11
CA LEU A 378 -12.00 36.66 -5.93
C LEU A 378 -12.35 37.41 -7.22
N ASP A 379 -11.63 38.48 -7.57
CA ASP A 379 -11.79 39.17 -8.84
C ASP A 379 -10.63 40.10 -9.04
N ASN A 380 -9.69 39.63 -9.86
CA ASN A 380 -8.41 40.27 -10.17
C ASN A 380 -8.31 40.58 -11.68
N GLU A 404 35.18 25.82 -13.54
CA GLU A 404 33.98 25.31 -12.90
C GLU A 404 34.07 25.47 -11.37
N MET A 405 33.01 25.08 -10.61
CA MET A 405 32.91 25.24 -9.16
C MET A 405 34.16 24.77 -8.34
N PRO A 406 34.49 25.50 -7.22
CA PRO A 406 35.68 25.13 -6.41
C PRO A 406 35.63 23.74 -5.80
N ASN A 407 36.77 23.29 -5.31
CA ASN A 407 36.92 21.97 -4.70
C ASN A 407 36.14 21.86 -3.39
N GLN A 408 36.24 22.88 -2.52
CA GLN A 408 35.62 22.88 -1.20
C GLN A 408 34.09 22.92 -1.24
N LEU A 409 33.53 23.73 -2.16
CA LEU A 409 32.08 23.88 -2.31
C LEU A 409 31.48 22.62 -2.88
N ARG A 410 32.21 21.96 -3.81
CA ARG A 410 31.79 20.69 -4.39
C ARG A 410 31.72 19.62 -3.29
N LYS A 411 32.71 19.62 -2.37
CA LYS A 411 32.75 18.68 -1.25
C LYS A 411 31.52 18.89 -0.33
N GLN A 412 31.13 20.15 -0.11
CA GLN A 412 29.96 20.58 0.69
C GLN A 412 28.64 20.24 -0.02
N LEU A 413 28.61 20.41 -1.35
CA LEU A 413 27.46 20.12 -2.18
C LEU A 413 27.23 18.63 -2.24
N GLU A 414 28.30 17.82 -2.41
CA GLU A 414 28.22 16.36 -2.51
C GLU A 414 27.73 15.73 -1.23
N ALA A 415 28.06 16.38 -0.08
CA ALA A 415 27.66 15.96 1.25
C ALA A 415 26.16 16.19 1.40
N ILE A 416 25.63 17.31 0.78
CA ILE A 416 24.22 17.69 0.76
C ILE A 416 23.46 16.66 -0.01
N ILE A 417 23.92 16.33 -1.22
CA ILE A 417 23.29 15.33 -2.08
C ILE A 417 23.22 13.96 -1.40
N ALA A 418 24.31 13.56 -0.71
CA ALA A 418 24.45 12.28 -0.02
C ALA A 418 23.44 12.05 1.12
N THR A 419 23.05 13.10 1.84
CA THR A 419 22.12 12.96 2.97
C THR A 419 20.78 12.33 2.60
N ASP A 420 20.12 11.77 3.62
CA ASP A 420 18.84 11.11 3.49
C ASP A 420 17.72 12.08 3.08
N PRO A 421 16.61 11.54 2.54
CA PRO A 421 15.51 12.39 2.08
C PRO A 421 14.83 13.21 3.16
N LEU A 422 15.03 12.87 4.45
CA LEU A 422 14.38 13.59 5.53
C LEU A 422 15.20 14.73 6.09
N ASN A 423 16.54 14.64 6.01
CA ASN A 423 17.45 15.69 6.46
C ASN A 423 17.04 17.04 5.87
N PRO A 424 16.76 18.04 6.70
CA PRO A 424 16.29 19.33 6.16
C PRO A 424 17.42 20.20 5.61
N LEU A 425 17.12 20.91 4.51
CA LEU A 425 18.07 21.80 3.87
C LEU A 425 18.00 23.15 4.51
N THR A 426 19.13 23.70 4.91
CA THR A 426 19.13 25.06 5.45
C THR A 426 19.07 26.04 4.27
N ALA A 427 18.79 27.32 4.54
CA ALA A 427 18.79 28.34 3.49
C ALA A 427 20.15 28.37 2.79
N GLU A 428 21.23 28.11 3.55
CA GLU A 428 22.60 28.04 3.05
C GLU A 428 22.68 26.94 2.01
N ASP A 429 22.16 25.74 2.37
CA ASP A 429 22.17 24.55 1.52
C ASP A 429 21.42 24.80 0.22
N LYS A 430 20.20 25.37 0.33
CA LYS A 430 19.31 25.70 -0.79
C LYS A 430 19.94 26.69 -1.77
N GLU A 431 20.56 27.75 -1.26
CA GLU A 431 21.20 28.75 -2.10
C GLU A 431 22.38 28.11 -2.85
N LEU A 432 23.10 27.18 -2.20
CA LEU A 432 24.22 26.50 -2.84
C LEU A 432 23.76 25.58 -3.98
N LEU A 433 22.69 24.80 -3.74
CA LEU A 433 22.09 23.89 -4.71
C LEU A 433 21.57 24.65 -5.94
N TRP A 434 20.95 25.79 -5.73
CA TRP A 434 20.39 26.54 -6.83
C TRP A 434 21.47 27.21 -7.67
N HIS A 435 22.40 27.87 -7.02
CA HIS A 435 23.48 28.54 -7.74
C HIS A 435 24.26 27.57 -8.61
N PHE A 436 24.46 26.35 -8.09
CA PHE A 436 25.15 25.31 -8.81
C PHE A 436 24.15 24.26 -9.29
N ARG A 437 23.02 24.71 -9.86
CA ARG A 437 22.00 23.81 -10.35
C ARG A 437 22.45 22.94 -11.53
N TYR A 438 23.34 23.45 -12.40
CA TYR A 438 23.81 22.69 -13.55
C TYR A 438 24.76 21.57 -13.18
N GLU A 439 25.50 21.74 -12.09
CA GLU A 439 26.38 20.71 -11.57
C GLU A 439 25.55 19.72 -10.80
N SER A 440 24.47 20.22 -10.16
CA SER A 440 23.50 19.45 -9.38
C SER A 440 22.68 18.58 -10.29
N LEU A 441 22.43 19.06 -11.52
CA LEU A 441 21.64 18.36 -12.52
C LEU A 441 22.33 17.08 -13.02
N LYS A 442 23.66 17.00 -12.82
CA LYS A 442 24.50 15.85 -13.20
C LYS A 442 24.33 14.70 -12.21
N HIS A 443 23.61 14.94 -11.10
CA HIS A 443 23.36 13.92 -10.10
C HIS A 443 21.87 13.71 -9.95
N PRO A 444 21.32 12.57 -10.40
CA PRO A 444 19.88 12.32 -10.24
C PRO A 444 19.45 12.29 -8.78
N LYS A 445 20.29 11.76 -7.89
CA LYS A 445 20.06 11.72 -6.44
C LYS A 445 19.80 13.10 -5.82
N ALA A 446 20.28 14.19 -6.47
CA ALA A 446 20.15 15.59 -6.03
C ALA A 446 18.84 16.22 -6.40
N TYR A 447 18.15 15.70 -7.42
CA TYR A 447 16.90 16.25 -7.96
C TYR A 447 15.89 16.64 -6.89
N PRO A 448 15.53 15.78 -5.90
CA PRO A 448 14.57 16.22 -4.88
C PRO A 448 15.03 17.40 -4.05
N LYS A 449 16.34 17.49 -3.75
CA LYS A 449 16.90 18.58 -2.94
C LYS A 449 17.00 19.84 -3.79
N LEU A 450 17.25 19.67 -5.09
CA LEU A 450 17.37 20.77 -6.04
C LEU A 450 16.04 21.38 -6.26
N PHE A 451 14.98 20.57 -6.33
CA PHE A 451 13.62 21.07 -6.56
C PHE A 451 12.97 21.59 -5.29
N SER A 452 13.65 21.42 -4.16
CA SER A 452 13.24 21.96 -2.86
C SER A 452 13.97 23.32 -2.64
N SER A 453 14.92 23.63 -3.50
CA SER A 453 15.71 24.87 -3.41
C SER A 453 15.12 25.91 -4.35
N VAL A 454 14.06 25.53 -5.04
CA VAL A 454 13.38 26.40 -5.97
C VAL A 454 12.44 27.32 -5.22
N LYS A 455 12.53 28.63 -5.50
CA LYS A 455 11.63 29.66 -4.96
C LYS A 455 10.43 29.66 -5.94
N TRP A 456 9.43 28.83 -5.65
CA TRP A 456 8.29 28.67 -6.56
C TRP A 456 7.37 29.91 -6.66
N GLY A 457 7.50 30.85 -5.73
CA GLY A 457 6.64 32.02 -5.78
C GLY A 457 7.25 33.16 -6.55
N GLN A 458 8.13 32.83 -7.53
CA GLN A 458 8.86 33.78 -8.38
C GLN A 458 8.87 33.29 -9.82
N GLN A 459 8.12 33.98 -10.71
CA GLN A 459 7.94 33.65 -12.12
C GLN A 459 9.28 33.40 -12.83
N GLU A 460 10.28 34.28 -12.62
CA GLU A 460 11.61 34.13 -13.22
C GLU A 460 12.34 32.85 -12.76
N ILE A 461 12.18 32.47 -11.49
CA ILE A 461 12.90 31.33 -10.96
C ILE A 461 12.34 30.02 -11.52
N VAL A 462 10.98 29.93 -11.58
CA VAL A 462 10.26 28.77 -12.09
C VAL A 462 10.63 28.58 -13.56
N ALA A 463 10.74 29.73 -14.28
CA ALA A 463 11.11 29.77 -15.68
C ALA A 463 12.45 29.08 -15.86
N LYS A 464 13.45 29.46 -15.03
CA LYS A 464 14.83 28.93 -15.02
C LYS A 464 14.81 27.45 -14.68
N THR A 465 13.87 27.03 -13.82
CA THR A 465 13.68 25.63 -13.40
C THR A 465 13.18 24.78 -14.58
N TYR A 466 12.28 25.32 -15.37
CA TYR A 466 11.75 24.66 -16.54
C TYR A 466 12.80 24.59 -17.64
N GLN A 467 13.63 25.66 -17.75
CA GLN A 467 14.73 25.74 -18.70
C GLN A 467 15.77 24.69 -18.32
N LEU A 468 15.88 24.40 -17.02
CA LEU A 468 16.78 23.41 -16.44
C LEU A 468 16.32 21.99 -16.78
N LEU A 469 15.00 21.70 -16.62
CA LEU A 469 14.37 20.42 -16.90
C LEU A 469 14.43 20.04 -18.37
N ALA A 470 14.67 21.02 -19.26
CA ALA A 470 14.80 20.75 -20.69
C ALA A 470 16.07 19.94 -20.94
N ARG A 471 17.10 20.14 -20.08
CA ARG A 471 18.40 19.46 -20.10
C ARG A 471 18.41 18.23 -19.15
N ARG A 472 17.49 17.28 -19.36
CA ARG A 472 17.37 16.08 -18.52
C ARG A 472 18.22 14.90 -18.97
N GLU A 473 19.33 15.15 -19.68
CA GLU A 473 20.19 14.09 -20.20
C GLU A 473 20.55 13.03 -19.18
N VAL A 474 21.12 13.45 -18.04
CA VAL A 474 21.56 12.50 -16.99
C VAL A 474 20.37 11.76 -16.36
N TRP A 475 19.29 12.50 -15.99
CA TRP A 475 18.06 11.95 -15.43
C TRP A 475 17.44 10.88 -16.31
N ASP A 476 17.20 11.20 -17.58
CA ASP A 476 16.61 10.29 -18.57
C ASP A 476 17.43 9.00 -18.77
N GLN A 477 18.76 9.15 -18.91
CA GLN A 477 19.67 8.03 -19.12
C GLN A 477 19.95 7.15 -17.88
N SER A 478 19.70 7.68 -16.68
CA SER A 478 19.98 6.96 -15.46
C SER A 478 19.11 5.72 -15.27
N ALA A 479 19.66 4.68 -14.63
CA ALA A 479 18.88 3.50 -14.29
C ALA A 479 17.85 3.94 -13.25
N LEU A 480 16.63 3.40 -13.38
CA LEU A 480 15.52 3.71 -12.50
C LEU A 480 15.81 3.42 -11.04
N ASP A 481 15.67 4.47 -10.20
CA ASP A 481 15.76 4.40 -8.75
C ASP A 481 14.36 4.72 -8.22
N VAL A 482 13.62 3.69 -7.79
CA VAL A 482 12.27 3.84 -7.28
C VAL A 482 12.23 4.83 -6.13
N GLY A 483 13.15 4.70 -5.17
CA GLY A 483 13.27 5.55 -4.00
C GLY A 483 13.34 7.01 -4.35
N LEU A 484 14.12 7.33 -5.35
CA LEU A 484 14.35 8.66 -5.90
C LEU A 484 13.13 9.11 -6.65
N THR A 485 12.48 8.18 -7.37
CA THR A 485 11.28 8.51 -8.12
C THR A 485 10.11 8.84 -7.17
N MET A 486 9.99 8.06 -6.11
CA MET A 486 8.99 8.22 -5.07
C MET A 486 9.15 9.57 -4.40
N GLN A 487 10.44 10.05 -4.19
CA GLN A 487 10.64 11.33 -3.49
C GLN A 487 9.91 12.41 -4.18
N LEU A 488 10.02 12.46 -5.54
CA LEU A 488 9.38 13.50 -6.36
C LEU A 488 7.84 13.43 -6.42
N LEU A 489 7.25 12.38 -5.87
CA LEU A 489 5.80 12.24 -5.88
C LEU A 489 5.16 12.51 -4.51
N ASP A 490 5.96 12.94 -3.53
CA ASP A 490 5.41 13.24 -2.21
C ASP A 490 4.82 14.66 -2.14
N CYS A 491 4.41 15.07 -0.94
CA CYS A 491 3.78 16.34 -0.62
C CYS A 491 4.65 17.56 -0.85
N ASN A 492 5.96 17.37 -1.02
CA ASN A 492 6.88 18.49 -1.14
C ASN A 492 6.96 19.05 -2.54
N PHE A 493 6.41 18.34 -3.51
CA PHE A 493 6.45 18.76 -4.90
C PHE A 493 5.06 18.91 -5.47
N SER A 494 4.67 20.16 -5.73
CA SER A 494 3.39 20.49 -6.34
C SER A 494 3.52 20.71 -7.84
N ASP A 495 4.76 20.80 -8.33
CA ASP A 495 4.97 21.11 -9.74
C ASP A 495 4.67 19.95 -10.66
N GLU A 496 3.71 20.15 -11.57
CA GLU A 496 3.26 19.16 -12.53
C GLU A 496 4.42 18.59 -13.36
N ASN A 497 5.30 19.48 -13.86
CA ASN A 497 6.42 19.07 -14.69
C ASN A 497 7.46 18.33 -13.91
N VAL A 498 7.74 18.75 -12.66
CA VAL A 498 8.68 18.07 -11.77
C VAL A 498 8.14 16.64 -11.51
N ARG A 499 6.86 16.54 -11.11
CA ARG A 499 6.20 15.26 -10.81
C ARG A 499 6.13 14.33 -12.03
N ALA A 500 5.85 14.91 -13.21
CA ALA A 500 5.79 14.20 -14.47
C ALA A 500 7.10 13.49 -14.81
N ILE A 501 8.27 14.09 -14.48
CA ILE A 501 9.56 13.48 -14.76
C ILE A 501 9.73 12.21 -13.93
N ALA A 502 9.05 12.14 -12.78
CA ALA A 502 9.08 10.95 -11.93
C ALA A 502 8.22 9.86 -12.53
N VAL A 503 6.98 10.19 -12.92
CA VAL A 503 6.04 9.27 -13.56
C VAL A 503 6.65 8.73 -14.86
N GLN A 504 7.49 9.53 -15.53
CA GLN A 504 8.23 9.12 -16.71
C GLN A 504 9.18 7.93 -16.35
N LYS A 505 9.89 8.03 -15.23
CA LYS A 505 10.79 6.96 -14.79
C LYS A 505 10.05 5.68 -14.45
N LEU A 506 8.81 5.82 -13.88
CA LEU A 506 7.96 4.71 -13.48
C LEU A 506 7.49 3.94 -14.67
N GLU A 507 7.44 4.57 -15.85
CA GLU A 507 6.98 3.93 -17.08
C GLU A 507 7.74 2.65 -17.37
N SER A 508 9.04 2.60 -16.95
CA SER A 508 9.95 1.48 -17.23
C SER A 508 9.87 0.34 -16.22
N LEU A 509 9.02 0.49 -15.19
CA LEU A 509 8.83 -0.59 -14.21
C LEU A 509 8.11 -1.73 -14.89
N GLU A 510 8.57 -2.95 -14.67
CA GLU A 510 7.83 -4.09 -15.20
C GLU A 510 6.57 -4.36 -14.31
N ASP A 511 5.57 -5.06 -14.82
CA ASP A 511 4.32 -5.35 -14.12
C ASP A 511 4.51 -5.95 -12.75
N ASP A 512 5.57 -6.77 -12.59
CA ASP A 512 5.91 -7.42 -11.32
C ASP A 512 6.26 -6.35 -10.27
N ASP A 513 7.00 -5.32 -10.69
CA ASP A 513 7.42 -4.22 -9.86
C ASP A 513 6.31 -3.26 -9.59
N VAL A 514 5.39 -3.11 -10.54
CA VAL A 514 4.25 -2.20 -10.32
C VAL A 514 3.41 -2.76 -9.16
N LEU A 515 3.26 -4.12 -9.07
CA LEU A 515 2.53 -4.77 -7.95
C LEU A 515 3.17 -4.49 -6.60
N HIS A 516 4.50 -4.37 -6.57
CA HIS A 516 5.22 -4.03 -5.34
C HIS A 516 4.92 -2.63 -4.82
N TYR A 517 4.78 -1.65 -5.74
CA TYR A 517 4.61 -0.25 -5.42
C TYR A 517 3.24 0.28 -5.63
N LEU A 518 2.32 -0.53 -6.08
CA LEU A 518 0.96 -0.14 -6.45
C LEU A 518 0.22 0.59 -5.36
N LEU A 519 0.22 0.05 -4.13
CA LEU A 519 -0.51 0.65 -3.01
C LEU A 519 0.00 2.05 -2.66
N GLN A 520 1.31 2.22 -2.57
CA GLN A 520 1.99 3.48 -2.31
C GLN A 520 1.74 4.45 -3.48
N LEU A 521 1.86 3.96 -4.71
CA LEU A 521 1.54 4.79 -5.88
C LEU A 521 0.07 5.28 -5.91
N VAL A 522 -0.90 4.45 -5.48
CA VAL A 522 -2.32 4.86 -5.38
C VAL A 522 -2.44 5.94 -4.25
N GLN A 523 -1.75 5.72 -3.12
CA GLN A 523 -1.81 6.67 -2.05
C GLN A 523 -1.19 7.97 -2.45
N ALA A 524 -0.09 7.90 -3.27
CA ALA A 524 0.65 9.06 -3.75
C ALA A 524 -0.16 9.97 -4.66
N VAL A 525 -1.33 9.50 -5.12
CA VAL A 525 -2.30 10.31 -5.89
C VAL A 525 -2.81 11.43 -5.02
N LYS A 526 -2.91 11.22 -3.68
CA LYS A 526 -3.38 12.25 -2.76
C LYS A 526 -2.50 13.54 -2.79
N PHE A 527 -1.24 13.40 -3.14
CA PHE A 527 -0.34 14.54 -3.20
C PHE A 527 -0.40 15.30 -4.52
N GLU A 528 -1.23 14.85 -5.44
CA GLU A 528 -1.35 15.50 -6.74
C GLU A 528 -2.23 16.72 -6.63
N PRO A 529 -1.77 17.88 -7.14
CA PRO A 529 -2.58 19.11 -7.01
C PRO A 529 -3.90 19.02 -7.75
N TYR A 530 -3.91 18.34 -8.95
CA TYR A 530 -5.12 18.22 -9.81
C TYR A 530 -5.56 16.77 -9.97
N HIS A 531 -6.86 16.54 -10.20
CA HIS A 531 -7.43 15.21 -10.33
C HIS A 531 -6.79 14.39 -11.45
N ASP A 532 -6.75 14.96 -12.67
CA ASP A 532 -6.11 14.32 -13.81
C ASP A 532 -4.66 14.66 -13.63
N SER A 533 -3.83 13.65 -13.67
CA SER A 533 -2.42 13.81 -13.41
C SER A 533 -1.71 12.70 -14.12
N ALA A 534 -0.43 12.92 -14.49
CA ALA A 534 0.41 11.93 -15.14
C ALA A 534 0.37 10.62 -14.36
N LEU A 535 0.55 10.69 -12.99
CA LEU A 535 0.49 9.52 -12.11
C LEU A 535 -0.85 8.78 -12.13
N ALA A 536 -1.99 9.50 -12.07
CA ALA A 536 -3.32 8.86 -12.16
C ALA A 536 -3.40 8.13 -13.50
N ARG A 537 -3.03 8.83 -14.60
CA ARG A 537 -3.01 8.22 -15.92
C ARG A 537 -2.12 6.99 -16.01
N PHE A 538 -0.99 6.97 -15.28
CA PHE A 538 -0.06 5.87 -15.25
C PHE A 538 -0.72 4.66 -14.57
N LEU A 539 -1.42 4.90 -13.46
CA LEU A 539 -2.09 3.81 -12.76
C LEU A 539 -3.19 3.28 -13.66
N LEU A 540 -3.90 4.18 -14.38
CA LEU A 540 -4.93 3.78 -15.31
C LEU A 540 -4.35 2.92 -16.42
N LYS A 541 -3.27 3.37 -17.03
CA LYS A 541 -2.61 2.68 -18.12
C LYS A 541 -2.11 1.28 -17.70
N ARG A 542 -1.48 1.16 -16.53
CA ARG A 542 -0.95 -0.11 -16.07
C ARG A 542 -1.99 -1.12 -15.65
N GLY A 543 -3.08 -0.62 -15.07
CA GLY A 543 -4.19 -1.43 -14.57
C GLY A 543 -4.98 -2.02 -15.70
N LEU A 544 -5.11 -1.25 -16.78
CA LEU A 544 -5.81 -1.66 -17.96
C LEU A 544 -4.98 -2.62 -18.83
N ARG A 545 -3.64 -2.59 -18.65
CA ARG A 545 -2.74 -3.44 -19.42
C ARG A 545 -2.60 -4.83 -18.80
N ASN A 546 -2.84 -4.96 -17.47
CA ASN A 546 -2.68 -6.21 -16.72
C ASN A 546 -3.80 -6.41 -15.66
N LYS A 547 -4.47 -7.60 -15.70
CA LYS A 547 -5.61 -8.00 -14.88
C LYS A 547 -5.29 -8.07 -13.44
N ARG A 548 -4.07 -8.50 -13.08
CA ARG A 548 -3.68 -8.55 -11.66
C ARG A 548 -3.51 -7.12 -11.11
N ILE A 549 -2.75 -6.26 -11.82
CA ILE A 549 -2.60 -4.86 -11.46
C ILE A 549 -4.02 -4.23 -11.37
N GLY A 550 -4.85 -4.48 -12.39
CA GLY A 550 -6.21 -3.99 -12.43
C GLY A 550 -7.05 -4.42 -11.24
N HIS A 551 -6.91 -5.69 -10.81
CA HIS A 551 -7.72 -6.25 -9.71
C HIS A 551 -7.42 -5.52 -8.43
N PHE A 552 -6.12 -5.37 -8.10
CA PHE A 552 -5.69 -4.68 -6.90
C PHE A 552 -6.01 -3.20 -6.95
N LEU A 553 -5.79 -2.58 -8.12
CA LEU A 553 -6.09 -1.19 -8.37
C LEU A 553 -7.53 -0.93 -8.01
N PHE A 554 -8.43 -1.87 -8.39
CA PHE A 554 -9.85 -1.73 -8.09
C PHE A 554 -10.05 -1.62 -6.59
N TRP A 555 -9.52 -2.62 -5.84
CA TRP A 555 -9.68 -2.70 -4.39
C TRP A 555 -9.05 -1.57 -3.65
N PHE A 556 -7.85 -1.11 -4.08
CA PHE A 556 -7.10 -0.02 -3.48
C PHE A 556 -7.87 1.26 -3.58
N LEU A 557 -8.37 1.56 -4.74
CA LEU A 557 -9.16 2.74 -4.97
C LEU A 557 -10.51 2.61 -4.26
N ARG A 558 -11.12 1.42 -4.28
CA ARG A 558 -12.43 1.21 -3.70
C ARG A 558 -12.42 1.40 -2.23
N SER A 559 -11.28 1.03 -1.59
CA SER A 559 -10.96 1.17 -0.17
C SER A 559 -10.98 2.65 0.25
N GLU A 560 -10.30 3.54 -0.51
CA GLU A 560 -10.26 4.97 -0.24
C GLU A 560 -11.59 5.63 -0.45
N ILE A 561 -12.30 5.29 -1.54
CA ILE A 561 -13.60 5.88 -1.83
C ILE A 561 -14.59 5.62 -0.67
N ALA A 562 -14.54 4.39 -0.13
CA ALA A 562 -15.37 3.88 0.95
C ALA A 562 -15.17 4.62 2.26
N GLN A 563 -13.96 5.11 2.53
CA GLN A 563 -13.77 5.71 3.86
C GLN A 563 -13.04 7.08 3.87
N SER A 564 -12.78 7.68 2.71
CA SER A 564 -12.10 8.96 2.62
C SER A 564 -13.00 9.98 1.95
N ARG A 565 -13.67 10.82 2.74
CA ARG A 565 -14.48 11.87 2.20
C ARG A 565 -13.54 12.93 1.55
N HIS A 566 -12.30 12.99 2.04
CA HIS A 566 -11.27 13.90 1.53
C HIS A 566 -10.81 13.59 0.11
N TYR A 567 -10.79 12.29 -0.29
CA TYR A 567 -10.31 11.91 -1.63
C TYR A 567 -11.27 10.97 -2.44
N GLN A 568 -12.50 10.73 -1.95
CA GLN A 568 -13.40 9.85 -2.68
C GLN A 568 -13.74 10.33 -4.06
N GLN A 569 -13.96 11.61 -4.27
CA GLN A 569 -14.34 12.15 -5.60
C GLN A 569 -13.24 11.93 -6.62
N ARG A 570 -11.97 12.21 -6.24
CA ARG A 570 -10.86 11.99 -7.13
C ARG A 570 -10.66 10.51 -7.49
N PHE A 571 -10.70 9.66 -6.48
CA PHE A 571 -10.51 8.24 -6.68
C PHE A 571 -11.64 7.60 -7.44
N ALA A 572 -12.91 8.06 -7.20
CA ALA A 572 -14.10 7.57 -7.89
C ALA A 572 -14.05 7.89 -9.39
N VAL A 573 -13.46 9.03 -9.75
CA VAL A 573 -13.25 9.39 -11.15
C VAL A 573 -12.25 8.38 -11.76
N ILE A 574 -11.16 8.09 -11.08
CA ILE A 574 -10.16 7.15 -11.59
C ILE A 574 -10.73 5.74 -11.72
N LEU A 575 -11.52 5.30 -10.72
CA LEU A 575 -12.07 3.95 -10.74
C LEU A 575 -13.10 3.76 -11.87
N GLU A 576 -13.95 4.76 -12.11
CA GLU A 576 -14.94 4.74 -13.19
C GLU A 576 -14.20 4.64 -14.52
N ALA A 577 -13.10 5.41 -14.63
CA ALA A 577 -12.21 5.40 -15.78
C ALA A 577 -11.68 3.96 -15.96
N TYR A 578 -11.20 3.29 -14.88
CA TYR A 578 -10.70 1.90 -15.00
C TYR A 578 -11.80 0.93 -15.45
N LEU A 579 -12.90 0.95 -14.72
CA LEU A 579 -14.02 0.07 -14.91
C LEU A 579 -14.63 0.13 -16.30
N ARG A 580 -14.57 1.33 -16.93
CA ARG A 580 -15.08 1.56 -18.30
C ARG A 580 -14.20 0.93 -19.38
N GLY A 581 -13.02 0.39 -19.01
CA GLY A 581 -12.09 -0.21 -19.96
C GLY A 581 -11.52 -1.56 -19.59
N CYS A 582 -11.89 -2.09 -18.39
CA CYS A 582 -11.40 -3.38 -17.86
C CYS A 582 -12.04 -4.57 -18.53
N GLY A 583 -13.20 -4.39 -19.17
CA GLY A 583 -13.87 -5.50 -19.85
C GLY A 583 -14.98 -6.17 -19.05
N THR A 584 -15.97 -6.75 -19.77
CA THR A 584 -17.15 -7.41 -19.22
C THR A 584 -16.78 -8.52 -18.26
N ALA A 585 -15.74 -9.31 -18.61
CA ALA A 585 -15.24 -10.44 -17.81
C ALA A 585 -14.97 -9.97 -16.41
N MET A 586 -14.17 -8.90 -16.27
CA MET A 586 -13.73 -8.37 -14.99
C MET A 586 -14.83 -7.64 -14.30
N LEU A 587 -15.65 -6.90 -15.03
CA LEU A 587 -16.83 -6.23 -14.47
C LEU A 587 -17.73 -7.25 -13.81
N HIS A 588 -17.87 -8.43 -14.43
CA HIS A 588 -18.67 -9.53 -13.87
C HIS A 588 -18.02 -10.03 -12.57
N ASP A 589 -16.66 -10.15 -12.57
CA ASP A 589 -15.88 -10.60 -11.42
C ASP A 589 -15.98 -9.62 -10.28
N PHE A 590 -15.92 -8.33 -10.57
CA PHE A 590 -16.00 -7.31 -9.54
C PHE A 590 -17.38 -7.22 -8.96
N THR A 591 -18.44 -7.46 -9.77
CA THR A 591 -19.83 -7.46 -9.32
C THR A 591 -20.06 -8.59 -8.29
N GLN A 592 -19.55 -9.82 -8.60
CA GLN A 592 -19.66 -10.98 -7.74
C GLN A 592 -18.91 -10.75 -6.43
N GLN A 593 -17.75 -10.07 -6.50
CA GLN A 593 -16.95 -9.78 -5.32
C GLN A 593 -17.65 -8.76 -4.46
N VAL A 594 -18.14 -7.67 -5.09
CA VAL A 594 -18.80 -6.57 -4.35
C VAL A 594 -20.07 -7.09 -3.64
N GLN A 595 -20.91 -7.85 -4.33
CA GLN A 595 -22.11 -8.46 -3.74
C GLN A 595 -21.80 -9.33 -2.49
N VAL A 596 -20.75 -10.15 -2.58
CA VAL A 596 -20.33 -11.01 -1.48
C VAL A 596 -19.86 -10.19 -0.29
N ILE A 597 -18.89 -9.28 -0.48
CA ILE A 597 -18.31 -8.53 0.64
C ILE A 597 -19.35 -7.61 1.31
N GLU A 598 -20.25 -7.00 0.54
CA GLU A 598 -21.34 -6.17 1.08
C GLU A 598 -22.23 -6.99 2.01
N MET A 599 -22.62 -8.21 1.56
CA MET A 599 -23.44 -9.16 2.30
C MET A 599 -22.78 -9.53 3.62
N LEU A 600 -21.47 -9.90 3.55
CA LEU A 600 -20.66 -10.36 4.69
C LEU A 600 -20.27 -9.25 5.67
N GLN A 601 -20.16 -8.01 5.19
CA GLN A 601 -19.89 -6.87 6.05
C GLN A 601 -21.09 -6.60 6.97
N LYS A 602 -22.32 -6.73 6.42
CA LYS A 602 -23.55 -6.53 7.16
C LYS A 602 -23.56 -7.51 8.33
N VAL A 603 -23.24 -8.80 8.04
CA VAL A 603 -23.19 -9.89 9.02
C VAL A 603 -22.11 -9.62 10.08
N THR A 604 -20.94 -9.09 9.65
CA THR A 604 -19.83 -8.77 10.57
C THR A 604 -20.25 -7.73 11.60
N LEU A 605 -20.89 -6.65 11.13
CA LEU A 605 -21.34 -5.55 11.99
C LEU A 605 -22.53 -5.98 12.85
N ASP A 606 -23.44 -6.82 12.31
CA ASP A 606 -24.63 -7.29 13.03
C ASP A 606 -24.26 -8.11 14.27
N ILE A 607 -23.29 -9.04 14.10
CA ILE A 607 -22.81 -9.94 15.15
C ILE A 607 -22.07 -9.15 16.24
N LYS A 608 -21.26 -8.16 15.85
CA LYS A 608 -20.50 -7.34 16.82
C LYS A 608 -21.40 -6.62 17.83
N SER A 609 -22.60 -6.21 17.37
CA SER A 609 -23.63 -5.52 18.13
C SER A 609 -24.25 -6.40 19.24
N LEU A 610 -24.27 -7.74 19.03
CA LEU A 610 -24.78 -8.75 19.98
C LEU A 610 -23.68 -9.24 20.95
N LYS A 614 -18.72 -8.27 27.99
CA LYS A 614 -18.10 -9.58 28.14
C LYS A 614 -17.50 -10.08 26.84
N TYR A 615 -16.34 -10.75 26.94
CA TYR A 615 -15.54 -11.30 25.83
C TYR A 615 -15.90 -12.79 25.54
N ASP A 616 -16.96 -13.29 26.19
CA ASP A 616 -17.40 -14.68 26.02
C ASP A 616 -18.29 -14.82 24.80
N VAL A 617 -17.97 -15.80 23.93
CA VAL A 617 -18.79 -16.11 22.76
C VAL A 617 -19.82 -17.12 23.24
N SER A 618 -21.08 -16.68 23.28
CA SER A 618 -22.19 -17.48 23.76
C SER A 618 -22.80 -18.38 22.68
N SER A 619 -23.63 -19.35 23.12
CA SER A 619 -24.34 -20.30 22.28
C SER A 619 -25.30 -19.58 21.33
N GLN A 620 -26.05 -18.57 21.85
CA GLN A 620 -27.02 -17.76 21.10
C GLN A 620 -26.38 -16.95 19.97
N VAL A 621 -25.11 -16.55 20.13
CA VAL A 621 -24.38 -15.77 19.13
C VAL A 621 -23.95 -16.68 17.97
N ILE A 622 -23.34 -17.85 18.29
CA ILE A 622 -22.87 -18.84 17.32
C ILE A 622 -24.02 -19.38 16.45
N SER A 623 -25.22 -19.50 17.04
CA SER A 623 -26.41 -19.95 16.33
C SER A 623 -26.91 -18.89 15.36
N GLN A 624 -26.96 -17.62 15.80
CA GLN A 624 -27.39 -16.47 14.99
C GLN A 624 -26.56 -16.30 13.73
N LEU A 625 -25.24 -16.52 13.84
CA LEU A 625 -24.32 -16.43 12.71
C LEU A 625 -24.65 -17.53 11.70
N LYS A 626 -24.74 -18.79 12.17
CA LYS A 626 -25.05 -19.95 11.35
C LYS A 626 -26.39 -19.76 10.65
N GLN A 627 -27.33 -19.09 11.34
CA GLN A 627 -28.67 -18.78 10.83
C GLN A 627 -28.57 -17.77 9.65
N LYS A 628 -27.82 -16.67 9.83
CA LYS A 628 -27.68 -15.66 8.79
C LYS A 628 -26.95 -16.13 7.54
N LEU A 629 -25.92 -16.97 7.73
CA LEU A 629 -25.11 -17.53 6.64
C LEU A 629 -25.90 -18.53 5.82
N GLU A 630 -26.81 -19.27 6.47
CA GLU A 630 -27.67 -20.24 5.81
C GLU A 630 -28.68 -19.48 4.96
N ASN A 631 -29.14 -18.31 5.46
CA ASN A 631 -30.09 -17.46 4.77
C ASN A 631 -29.51 -16.77 3.53
N LEU A 632 -28.20 -16.48 3.56
CA LEU A 632 -27.51 -15.86 2.44
C LEU A 632 -27.22 -16.86 1.33
N GLN A 633 -26.78 -18.08 1.72
CA GLN A 633 -26.42 -19.17 0.82
C GLN A 633 -27.51 -19.45 -0.23
N ASN A 634 -28.75 -19.63 0.24
CA ASN A 634 -29.89 -19.95 -0.61
C ASN A 634 -30.50 -18.72 -1.28
N SER A 635 -30.11 -17.51 -0.84
CA SER A 635 -30.67 -16.28 -1.38
C SER A 635 -29.98 -15.77 -2.67
N GLN A 636 -29.26 -14.63 -2.59
CA GLN A 636 -28.64 -13.97 -3.74
C GLN A 636 -27.10 -13.98 -3.76
N LEU A 637 -26.48 -14.81 -2.91
CA LEU A 637 -25.02 -14.94 -2.86
C LEU A 637 -24.58 -15.71 -4.13
N PRO A 638 -23.71 -15.12 -4.98
CA PRO A 638 -23.29 -15.81 -6.21
C PRO A 638 -22.56 -17.14 -5.98
N GLU A 639 -22.71 -18.06 -6.93
CA GLU A 639 -22.18 -19.43 -6.92
C GLU A 639 -20.68 -19.49 -6.60
N SER A 640 -19.91 -18.50 -7.09
CA SER A 640 -18.46 -18.39 -6.91
C SER A 640 -18.02 -16.93 -7.01
N PHE A 641 -16.83 -16.62 -6.47
CA PHE A 641 -16.23 -15.30 -6.51
C PHE A 641 -14.74 -15.37 -6.32
N ARG A 642 -13.98 -14.44 -6.95
CA ARG A 642 -12.53 -14.37 -6.77
C ARG A 642 -12.19 -13.85 -5.38
N VAL A 643 -11.10 -14.36 -4.80
CA VAL A 643 -10.65 -13.91 -3.49
C VAL A 643 -9.96 -12.54 -3.69
N PRO A 644 -10.51 -11.44 -3.10
CA PRO A 644 -9.92 -10.11 -3.31
C PRO A 644 -8.42 -10.01 -3.01
N TYR A 645 -7.92 -10.70 -2.00
CA TYR A 645 -6.49 -10.58 -1.70
C TYR A 645 -5.60 -11.53 -2.52
N ASP A 646 -6.21 -12.50 -3.21
CA ASP A 646 -5.56 -13.53 -4.03
C ASP A 646 -6.44 -13.81 -5.23
N PRO A 647 -6.33 -12.99 -6.28
CA PRO A 647 -7.25 -13.10 -7.42
C PRO A 647 -7.16 -14.40 -8.23
N GLY A 648 -6.15 -15.20 -7.92
CA GLY A 648 -5.95 -16.50 -8.53
C GLY A 648 -6.95 -17.53 -8.06
N LEU A 649 -7.45 -17.36 -6.83
CA LEU A 649 -8.38 -18.26 -6.18
C LEU A 649 -9.84 -17.85 -6.34
N LYS A 650 -10.69 -18.85 -6.65
CA LYS A 650 -12.14 -18.71 -6.77
C LYS A 650 -12.76 -19.49 -5.62
N ALA A 651 -13.45 -18.76 -4.73
CA ALA A 651 -14.17 -19.33 -3.60
C ALA A 651 -15.59 -19.64 -4.02
N GLY A 652 -16.17 -20.65 -3.44
CA GLY A 652 -17.51 -21.09 -3.83
C GLY A 652 -18.51 -20.96 -2.72
N ALA A 653 -19.12 -22.08 -2.36
CA ALA A 653 -20.11 -22.07 -1.30
C ALA A 653 -19.49 -22.07 0.08
N LEU A 654 -20.18 -21.42 1.02
CA LEU A 654 -19.79 -21.36 2.41
C LEU A 654 -19.96 -22.75 3.08
N ALA A 655 -18.94 -23.18 3.83
CA ALA A 655 -18.99 -24.41 4.58
C ALA A 655 -19.42 -23.96 5.99
N ILE A 656 -20.74 -23.70 6.16
CA ILE A 656 -21.42 -23.18 7.38
C ILE A 656 -20.96 -23.87 8.66
N GLU A 657 -20.79 -25.17 8.59
CA GLU A 657 -20.33 -26.01 9.68
C GLU A 657 -18.96 -25.52 10.23
N LYS A 658 -18.06 -25.11 9.33
CA LYS A 658 -16.72 -24.67 9.69
C LYS A 658 -16.62 -23.15 10.03
N CYS A 659 -17.74 -22.41 9.86
CA CYS A 659 -17.84 -20.98 10.14
C CYS A 659 -18.08 -20.71 11.63
N LYS A 660 -17.49 -19.62 12.19
CA LYS A 660 -17.61 -19.25 13.61
C LYS A 660 -17.30 -17.78 13.90
N VAL A 661 -17.59 -17.30 15.12
CA VAL A 661 -17.25 -15.95 15.61
C VAL A 661 -16.11 -16.19 16.59
N MET A 662 -14.98 -15.53 16.40
CA MET A 662 -13.84 -15.76 17.29
C MET A 662 -13.93 -15.03 18.61
N ALA A 663 -13.46 -15.70 19.69
CA ALA A 663 -13.44 -15.13 21.04
C ALA A 663 -12.36 -14.03 21.10
N SER A 664 -12.72 -12.83 20.64
CA SER A 664 -11.83 -11.68 20.61
C SER A 664 -12.56 -10.42 21.11
N LYS A 665 -11.83 -9.29 21.22
CA LYS A 665 -12.38 -8.01 21.68
C LYS A 665 -13.40 -7.48 20.66
N LYS A 666 -13.00 -7.51 19.36
CA LYS A 666 -13.72 -7.03 18.18
C LYS A 666 -14.68 -8.04 17.56
N LYS A 667 -14.67 -9.31 18.05
CA LYS A 667 -15.55 -10.42 17.60
C LYS A 667 -15.61 -10.57 16.02
N PRO A 668 -14.53 -11.06 15.37
CA PRO A 668 -14.52 -11.16 13.90
C PRO A 668 -15.19 -12.42 13.40
N LEU A 669 -15.43 -12.51 12.10
CA LEU A 669 -16.04 -13.72 11.54
C LEU A 669 -14.98 -14.64 10.93
N TRP A 670 -14.98 -15.92 11.29
CA TRP A 670 -14.08 -16.92 10.70
C TRP A 670 -14.89 -17.66 9.63
N LEU A 671 -14.71 -17.31 8.35
CA LEU A 671 -15.49 -17.93 7.28
C LEU A 671 -14.67 -18.88 6.41
N GLU A 672 -15.30 -19.98 5.97
CA GLU A 672 -14.63 -21.00 5.17
C GLU A 672 -15.43 -21.32 3.94
N PHE A 673 -14.76 -21.36 2.81
CA PHE A 673 -15.38 -21.55 1.52
C PHE A 673 -14.84 -22.77 0.83
N LYS A 674 -15.65 -23.39 -0.01
CA LYS A 674 -15.22 -24.53 -0.81
C LYS A 674 -14.57 -23.93 -2.06
N CYS A 675 -13.49 -24.54 -2.58
CA CYS A 675 -12.87 -23.98 -3.78
C CYS A 675 -13.73 -24.29 -4.99
N ALA A 676 -14.07 -23.24 -5.75
CA ALA A 676 -14.88 -23.30 -6.97
C ALA A 676 -14.22 -24.11 -8.09
N ASP A 677 -12.88 -24.25 -8.06
CA ASP A 677 -12.15 -24.98 -9.09
C ASP A 677 -12.03 -26.45 -8.75
N PRO A 678 -12.68 -27.33 -9.55
CA PRO A 678 -12.57 -28.78 -9.27
C PRO A 678 -11.16 -29.33 -9.52
N THR A 679 -10.43 -28.73 -10.48
CA THR A 679 -9.07 -29.12 -10.90
C THR A 679 -8.00 -28.95 -9.82
N ALA A 680 -8.39 -28.49 -8.62
CA ALA A 680 -7.49 -28.33 -7.47
C ALA A 680 -7.06 -29.73 -7.04
N LEU A 681 -5.75 -29.93 -6.79
CA LEU A 681 -5.21 -31.24 -6.39
C LEU A 681 -5.48 -31.59 -4.92
N SER A 682 -6.34 -30.80 -4.22
CA SER A 682 -6.72 -30.94 -2.81
C SER A 682 -8.12 -30.41 -2.52
N ASN A 683 -8.73 -30.88 -1.42
CA ASN A 683 -10.04 -30.43 -1.00
C ASN A 683 -9.93 -29.40 0.15
N GLU A 684 -8.85 -28.61 0.12
CA GLU A 684 -8.60 -27.55 1.08
C GLU A 684 -9.71 -26.50 0.95
N THR A 685 -10.09 -25.88 2.08
CA THR A 685 -11.10 -24.80 2.07
C THR A 685 -10.41 -23.45 2.04
N ILE A 686 -11.09 -22.43 1.57
CA ILE A 686 -10.53 -21.07 1.55
C ILE A 686 -11.03 -20.36 2.81
N GLY A 687 -10.09 -20.05 3.69
CA GLY A 687 -10.40 -19.35 4.93
C GLY A 687 -10.21 -17.86 4.82
N ILE A 688 -11.29 -17.11 5.19
CA ILE A 688 -11.31 -15.64 5.21
C ILE A 688 -11.87 -15.13 6.52
N ILE A 689 -11.16 -14.14 7.13
CA ILE A 689 -11.62 -13.47 8.35
C ILE A 689 -12.21 -12.12 7.98
N PHE A 690 -13.46 -11.85 8.41
CA PHE A 690 -14.14 -10.56 8.24
C PHE A 690 -14.10 -9.81 9.57
N LYS A 691 -13.53 -8.59 9.58
CA LYS A 691 -13.38 -7.91 10.87
C LYS A 691 -13.71 -6.43 10.86
N HIS A 692 -14.47 -5.97 11.91
CA HIS A 692 -14.78 -4.56 12.16
C HIS A 692 -14.15 -4.12 13.49
N GLY A 693 -13.44 -2.98 13.46
CA GLY A 693 -12.83 -2.45 14.67
C GLY A 693 -11.40 -2.00 14.51
N ASP A 694 -10.67 -2.64 13.57
CA ASP A 694 -9.28 -2.31 13.23
C ASP A 694 -9.20 -1.52 11.91
N ASP A 695 -8.23 -0.60 11.80
CA ASP A 695 -8.05 0.12 10.52
C ASP A 695 -7.05 -0.72 9.66
N LEU A 696 -7.61 -1.57 8.77
CA LEU A 696 -6.86 -2.48 7.90
C LEU A 696 -6.06 -1.79 6.79
N ARG A 697 -6.32 -0.49 6.53
CA ARG A 697 -5.55 0.30 5.56
C ARG A 697 -4.13 0.37 6.11
N GLN A 698 -3.99 0.46 7.44
CA GLN A 698 -2.73 0.51 8.13
C GLN A 698 -2.04 -0.82 8.03
N ASP A 699 -2.82 -1.94 8.20
CA ASP A 699 -2.29 -3.31 8.05
C ASP A 699 -1.78 -3.51 6.64
N MET A 700 -2.58 -3.07 5.62
CA MET A 700 -2.25 -3.12 4.19
C MET A 700 -0.94 -2.44 3.85
N LEU A 701 -0.69 -1.28 4.46
CA LEU A 701 0.51 -0.53 4.19
C LEU A 701 1.76 -1.20 4.74
N ILE A 702 1.67 -1.73 5.95
CA ILE A 702 2.76 -2.46 6.58
C ILE A 702 3.14 -3.71 5.74
N LEU A 703 2.11 -4.49 5.34
CA LEU A 703 2.28 -5.73 4.59
C LEU A 703 2.95 -5.44 3.25
N GLN A 704 2.58 -4.29 2.65
CA GLN A 704 3.16 -3.87 1.39
C GLN A 704 4.64 -3.53 1.55
N ILE A 705 4.99 -2.92 2.71
CA ILE A 705 6.38 -2.63 3.00
C ILE A 705 7.13 -3.92 3.21
N LEU A 706 6.53 -4.89 3.93
CA LEU A 706 7.14 -6.19 4.18
C LEU A 706 7.50 -6.93 2.92
N ARG A 707 6.64 -6.86 1.87
CA ARG A 707 6.88 -7.48 0.58
C ARG A 707 8.00 -6.74 -0.15
N ILE A 708 8.14 -5.42 0.09
CA ILE A 708 9.21 -4.63 -0.55
C ILE A 708 10.56 -5.04 0.05
N MET A 709 10.55 -5.30 1.37
CA MET A 709 11.73 -5.77 2.06
C MET A 709 12.14 -7.17 1.57
N GLU A 710 11.17 -8.06 1.30
CA GLU A 710 11.45 -9.40 0.80
C GLU A 710 12.12 -9.30 -0.57
N SER A 711 11.72 -8.31 -1.37
CA SER A 711 12.28 -8.13 -2.70
C SER A 711 13.73 -7.60 -2.57
N ILE A 712 13.98 -6.73 -1.55
CA ILE A 712 15.31 -6.18 -1.29
C ILE A 712 16.28 -7.29 -0.83
N TRP A 713 15.78 -8.24 -0.03
CA TRP A 713 16.61 -9.34 0.40
C TRP A 713 16.91 -10.36 -0.75
N GLU A 714 15.98 -10.48 -1.71
CA GLU A 714 16.10 -11.34 -2.90
C GLU A 714 17.26 -10.87 -3.80
N THR A 715 17.47 -9.53 -3.87
CA THR A 715 18.56 -8.92 -4.66
C THR A 715 19.92 -9.37 -4.13
N GLU A 716 19.99 -9.58 -2.79
CA GLU A 716 21.20 -10.04 -2.10
C GLU A 716 21.13 -11.54 -1.75
N SER A 717 20.35 -12.30 -2.55
CA SER A 717 20.12 -13.75 -2.48
C SER A 717 19.79 -14.25 -1.04
N LEU A 718 18.84 -13.57 -0.38
CA LEU A 718 18.39 -13.88 0.97
C LEU A 718 16.90 -14.20 0.96
N ASP A 719 16.50 -15.16 1.78
CA ASP A 719 15.11 -15.54 1.96
C ASP A 719 14.86 -15.66 3.43
N LEU A 720 14.28 -14.59 4.00
CA LEU A 720 13.97 -14.47 5.42
C LEU A 720 12.54 -14.92 5.80
N CYS A 721 11.94 -15.71 4.90
CA CYS A 721 10.68 -16.41 5.03
C CYS A 721 9.54 -15.64 5.67
N LEU A 722 9.42 -14.33 5.40
CA LEU A 722 8.29 -13.54 5.93
C LEU A 722 6.99 -14.11 5.40
N LEU A 723 5.87 -13.91 6.11
CA LEU A 723 4.55 -14.35 5.63
C LEU A 723 3.64 -13.14 5.53
N PRO A 724 3.75 -12.36 4.41
CA PRO A 724 2.89 -11.16 4.25
C PRO A 724 1.53 -11.61 3.72
N TYR A 725 0.69 -11.98 4.67
CA TYR A 725 -0.63 -12.57 4.46
C TYR A 725 -1.53 -11.61 3.73
N GLY A 726 -2.58 -12.17 3.12
CA GLY A 726 -3.58 -11.41 2.39
C GLY A 726 -4.45 -10.59 3.31
N CYS A 727 -4.62 -9.32 2.99
CA CYS A 727 -5.41 -8.39 3.78
C CYS A 727 -5.99 -7.25 2.93
N ILE A 728 -7.32 -7.16 2.78
CA ILE A 728 -7.95 -6.07 2.00
C ILE A 728 -8.87 -5.25 2.87
N SER A 729 -8.67 -3.89 2.91
CA SER A 729 -9.55 -2.93 3.58
C SER A 729 -10.75 -2.67 2.67
N THR A 730 -11.97 -2.88 3.18
CA THR A 730 -13.17 -2.77 2.34
C THR A 730 -14.08 -1.55 2.64
N GLY A 731 -13.89 -0.92 3.80
CA GLY A 731 -14.66 0.23 4.24
C GLY A 731 -14.14 0.85 5.52
N ASP A 732 -15.02 1.60 6.27
CA ASP A 732 -14.56 2.25 7.51
C ASP A 732 -14.38 1.26 8.66
N LYS A 733 -13.11 1.14 9.13
CA LYS A 733 -12.61 0.25 10.18
C LYS A 733 -13.11 -1.24 9.95
N ILE A 734 -13.19 -1.69 8.66
CA ILE A 734 -13.66 -3.00 8.24
C ILE A 734 -12.92 -3.55 6.99
N GLY A 735 -12.88 -4.87 6.85
CA GLY A 735 -12.28 -5.58 5.72
C GLY A 735 -12.10 -7.07 5.96
N MET A 736 -11.23 -7.69 5.14
CA MET A 736 -10.95 -9.12 5.25
C MET A 736 -9.48 -9.45 5.43
N ILE A 737 -9.23 -10.61 6.05
CA ILE A 737 -7.89 -11.13 6.32
C ILE A 737 -7.81 -12.62 5.93
N GLU A 738 -6.65 -13.01 5.41
CA GLU A 738 -6.36 -14.39 5.03
C GLU A 738 -6.18 -15.22 6.31
N ILE A 739 -6.84 -16.39 6.34
CA ILE A 739 -6.66 -17.40 7.39
C ILE A 739 -5.44 -18.20 6.96
N VAL A 740 -4.38 -18.13 7.76
CA VAL A 740 -3.19 -18.87 7.45
C VAL A 740 -3.36 -20.27 8.00
N LYS A 741 -3.46 -21.23 7.09
CA LYS A 741 -3.64 -22.66 7.39
C LYS A 741 -2.46 -23.27 8.17
N ASP A 742 -2.81 -24.06 9.20
CA ASP A 742 -1.89 -24.76 10.12
C ASP A 742 -1.03 -23.76 10.95
N ALA A 743 -1.58 -22.60 11.28
CA ALA A 743 -0.88 -21.58 12.07
C ALA A 743 -1.57 -21.31 13.40
N THR A 744 -0.79 -20.91 14.41
CA THR A 744 -1.33 -20.59 15.75
C THR A 744 -0.58 -19.41 16.37
N THR A 745 -1.21 -18.80 17.37
CA THR A 745 -0.66 -17.69 18.13
C THR A 745 0.35 -18.19 19.15
N ILE A 746 1.47 -17.46 19.35
CA ILE A 746 2.50 -17.82 20.35
C ILE A 746 1.89 -17.93 21.75
N ALA A 747 0.94 -17.06 22.10
CA ALA A 747 0.24 -17.09 23.36
C ALA A 747 -0.59 -18.36 23.54
N LYS A 748 -1.27 -18.83 22.46
CA LYS A 748 -2.07 -20.06 22.51
C LYS A 748 -1.20 -21.29 22.82
N ILE A 749 0.07 -21.27 22.37
CA ILE A 749 1.05 -22.34 22.65
C ILE A 749 1.42 -22.26 24.14
N GLN A 750 1.53 -21.03 24.66
CA GLN A 750 1.82 -20.78 26.08
C GLN A 750 0.62 -21.15 26.98
N GLN A 751 -0.63 -20.96 26.47
CA GLN A 751 -1.88 -21.25 27.16
C GLN A 751 -2.13 -22.75 27.33
N SER A 752 -1.71 -23.56 26.34
CA SER A 752 -1.92 -25.02 26.29
C SER A 752 -1.18 -25.81 27.37
N THR A 753 0.01 -25.32 27.77
CA THR A 753 0.85 -25.95 28.80
C THR A 753 0.68 -25.24 30.13
N VAL A 754 0.82 -23.89 30.12
CA VAL A 754 0.81 -23.02 31.29
C VAL A 754 -0.62 -22.57 31.70
N GLY A 755 -1.25 -21.73 30.89
CA GLY A 755 -2.57 -21.16 31.17
C GLY A 755 -2.55 -19.64 31.07
N ASN A 756 -1.91 -18.95 32.06
CA ASN A 756 -1.82 -17.48 32.08
C ASN A 756 -0.42 -16.93 32.42
N ALA A 759 2.95 -15.88 33.20
CA ALA A 759 4.00 -16.90 33.35
C ALA A 759 4.28 -17.47 31.99
N PHE A 760 5.56 -17.82 31.73
CA PHE A 760 5.98 -18.38 30.47
C PHE A 760 7.14 -19.32 30.64
N LYS A 761 7.10 -20.45 29.93
CA LYS A 761 8.18 -21.45 29.94
C LYS A 761 8.90 -21.48 28.59
N ASP A 762 10.23 -21.52 28.64
CA ASP A 762 11.12 -21.49 27.47
C ASP A 762 11.01 -22.73 26.57
N GLU A 763 10.85 -23.91 27.19
CA GLU A 763 10.80 -25.21 26.52
C GLU A 763 9.53 -25.47 25.67
N VAL A 764 8.43 -24.71 25.91
CA VAL A 764 7.11 -24.87 25.27
C VAL A 764 7.13 -24.81 23.73
N LEU A 765 7.74 -23.76 23.15
CA LEU A 765 7.78 -23.58 21.70
C LEU A 765 8.45 -24.72 20.94
N ASN A 766 9.65 -25.12 21.39
CA ASN A 766 10.42 -26.22 20.80
C ASN A 766 9.64 -27.55 20.91
N HIS A 767 8.86 -27.69 21.99
CA HIS A 767 8.03 -28.87 22.21
C HIS A 767 6.87 -28.91 21.25
N TRP A 768 6.30 -27.73 20.94
CA TRP A 768 5.17 -27.63 20.04
C TRP A 768 5.56 -28.01 18.64
N LEU A 769 6.73 -27.56 18.20
CA LEU A 769 7.26 -27.86 16.88
C LEU A 769 7.57 -29.36 16.74
N LYS A 770 8.01 -30.02 17.83
CA LYS A 770 8.33 -31.45 17.82
C LYS A 770 7.09 -32.31 17.59
N GLU A 771 6.01 -32.04 18.35
CA GLU A 771 4.76 -32.79 18.29
C GLU A 771 3.99 -32.54 17.00
N LYS A 772 4.29 -31.41 16.31
CA LYS A 772 3.65 -31.07 15.04
C LYS A 772 4.42 -31.61 13.85
N SER A 773 5.65 -32.09 14.12
CA SER A 773 6.50 -32.67 13.10
C SER A 773 6.28 -34.19 12.97
N PRO A 774 6.06 -34.68 11.73
CA PRO A 774 5.87 -36.13 11.54
C PRO A 774 7.19 -36.87 11.66
N THR A 775 8.21 -36.35 10.97
CA THR A 775 9.57 -36.89 10.93
C THR A 775 10.57 -35.89 11.51
N GLU A 776 11.76 -36.37 11.83
CA GLU A 776 12.83 -35.53 12.33
C GLU A 776 13.34 -34.65 11.16
N GLU A 777 13.30 -35.19 9.92
CA GLU A 777 13.71 -34.51 8.69
C GLU A 777 12.94 -33.23 8.50
N LYS A 778 11.62 -33.28 8.82
CA LYS A 778 10.70 -32.16 8.73
C LYS A 778 10.83 -31.22 9.92
N PHE A 779 11.22 -31.75 11.10
CA PHE A 779 11.45 -30.94 12.30
C PHE A 779 12.69 -30.07 12.15
N GLN A 780 13.76 -30.63 11.57
CA GLN A 780 15.02 -29.93 11.33
C GLN A 780 14.83 -28.76 10.37
N ALA A 781 13.89 -28.92 9.43
CA ALA A 781 13.50 -27.93 8.44
C ALA A 781 12.66 -26.84 9.12
N ALA A 782 11.87 -27.25 10.16
CA ALA A 782 10.99 -26.35 10.92
C ALA A 782 11.81 -25.41 11.79
N VAL A 783 12.94 -25.90 12.36
CA VAL A 783 13.87 -25.10 13.17
C VAL A 783 14.59 -24.07 12.29
N GLU A 784 15.10 -24.51 11.12
CA GLU A 784 15.80 -23.66 10.15
C GLU A 784 14.87 -22.56 9.62
N ARG A 785 13.57 -22.88 9.45
CA ARG A 785 12.56 -21.92 8.99
C ARG A 785 12.21 -20.90 10.05
N PHE A 786 12.25 -21.32 11.32
CA PHE A 786 11.98 -20.45 12.45
C PHE A 786 13.10 -19.46 12.62
N VAL A 787 14.36 -19.92 12.51
CA VAL A 787 15.55 -19.06 12.61
C VAL A 787 15.48 -17.96 11.57
N TYR A 788 15.27 -18.32 10.29
CA TYR A 788 15.18 -17.37 9.19
C TYR A 788 14.04 -16.40 9.35
N SER A 789 12.83 -16.91 9.64
CA SER A 789 11.63 -16.08 9.80
C SER A 789 11.65 -15.19 10.99
N CYS A 790 12.24 -15.65 12.11
CA CYS A 790 12.34 -14.82 13.29
C CYS A 790 13.24 -13.64 13.01
N ALA A 791 14.44 -13.91 12.46
CA ALA A 791 15.41 -12.90 12.04
C ALA A 791 14.73 -11.90 11.09
N GLY A 792 13.91 -12.41 10.18
CA GLY A 792 13.17 -11.62 9.22
C GLY A 792 12.26 -10.61 9.86
N TYR A 793 11.43 -11.07 10.79
CA TYR A 793 10.52 -10.17 11.47
C TYR A 793 11.23 -9.26 12.45
N CYS A 794 12.32 -9.73 13.05
CA CYS A 794 13.11 -8.94 13.99
C CYS A 794 13.66 -7.69 13.33
N VAL A 795 14.20 -7.82 12.12
CA VAL A 795 14.76 -6.69 11.40
C VAL A 795 13.66 -5.76 10.88
N ALA A 796 12.66 -6.33 10.17
CA ALA A 796 11.54 -5.60 9.57
C ALA A 796 10.74 -4.80 10.57
N THR A 797 10.36 -5.38 11.72
CA THR A 797 9.52 -4.70 12.72
C THR A 797 10.29 -3.60 13.40
N PHE A 798 11.58 -3.82 13.56
CA PHE A 798 12.44 -2.84 14.18
C PHE A 798 12.53 -1.55 13.33
N VAL A 799 12.84 -1.69 12.03
CA VAL A 799 12.98 -0.58 11.07
C VAL A 799 11.68 0.25 11.03
N LEU A 800 10.55 -0.44 11.05
CA LEU A 800 9.24 0.19 10.98
C LEU A 800 8.75 0.73 12.33
N GLY A 801 9.42 0.30 13.41
CA GLY A 801 9.08 0.73 14.76
C GLY A 801 7.77 0.17 15.28
N ILE A 802 7.51 -1.06 14.91
CA ILE A 802 6.35 -1.84 15.32
C ILE A 802 6.87 -3.21 15.86
N GLY A 803 8.00 -3.17 16.59
CA GLY A 803 8.68 -4.34 17.14
C GLY A 803 8.24 -4.77 18.52
N ASP A 804 7.94 -3.80 19.40
CA ASP A 804 7.48 -4.09 20.76
C ASP A 804 6.04 -4.51 20.66
N ARG A 805 5.83 -5.85 20.67
CA ARG A 805 4.53 -6.49 20.47
C ARG A 805 4.20 -7.61 21.43
N HIS A 806 2.91 -7.79 21.73
CA HIS A 806 2.45 -8.86 22.60
C HIS A 806 2.47 -10.19 21.82
N ASN A 807 2.88 -11.31 22.46
CA ASN A 807 2.99 -12.60 21.76
C ASN A 807 1.62 -13.19 21.28
N ASP A 808 0.48 -12.54 21.60
CA ASP A 808 -0.82 -12.94 21.09
C ASP A 808 -0.90 -12.49 19.60
N ASN A 809 -0.12 -11.45 19.23
CA ASN A 809 -0.07 -10.85 17.93
C ASN A 809 1.04 -11.43 17.05
N ILE A 810 1.73 -12.47 17.54
CA ILE A 810 2.77 -13.12 16.77
C ILE A 810 2.34 -14.56 16.58
N MET A 811 2.36 -15.02 15.32
CA MET A 811 1.94 -16.38 14.97
C MET A 811 3.05 -17.21 14.38
N ILE A 812 2.83 -18.53 14.36
CA ILE A 812 3.75 -19.52 13.80
C ILE A 812 2.95 -20.62 13.12
N THR A 813 3.49 -21.15 12.02
CA THR A 813 2.86 -22.24 11.29
C THR A 813 3.39 -23.57 11.89
N GLU A 814 2.76 -24.71 11.55
CA GLU A 814 3.21 -26.02 12.01
C GLU A 814 4.54 -26.38 11.33
N THR A 815 4.93 -25.58 10.29
CA THR A 815 6.16 -25.76 9.52
C THR A 815 7.28 -24.80 10.01
N GLY A 816 7.10 -24.22 11.20
CA GLY A 816 8.08 -23.34 11.84
C GLY A 816 8.10 -21.88 11.43
N ASN A 817 7.28 -21.48 10.42
CA ASN A 817 7.22 -20.09 9.95
C ASN A 817 6.58 -19.14 10.93
N LEU A 818 7.38 -18.20 11.46
CA LEU A 818 6.93 -17.16 12.38
C LEU A 818 6.49 -15.96 11.57
N PHE A 819 5.41 -15.29 12.04
CA PHE A 819 4.90 -14.10 11.36
C PHE A 819 4.09 -13.23 12.29
N HIS A 820 4.28 -11.91 12.16
CA HIS A 820 3.52 -10.91 12.92
C HIS A 820 2.22 -10.63 12.28
N ILE A 821 1.22 -10.37 13.07
CA ILE A 821 -0.11 -10.05 12.58
C ILE A 821 -0.63 -8.79 13.26
N ASP A 822 -1.89 -8.44 13.00
CA ASP A 822 -2.63 -7.35 13.60
C ASP A 822 -1.87 -6.03 13.71
N PHE A 823 -1.63 -5.34 12.57
CA PHE A 823 -0.84 -4.11 12.66
C PHE A 823 -1.65 -2.85 12.94
N GLY A 824 -2.95 -3.00 13.17
CA GLY A 824 -3.89 -1.92 13.50
C GLY A 824 -3.56 -1.17 14.78
N HIS A 825 -3.16 0.14 14.62
CA HIS A 825 -2.80 1.12 15.65
C HIS A 825 -1.64 0.69 16.58
N ILE A 826 -0.46 1.28 16.32
CA ILE A 826 0.74 1.08 17.12
C ILE A 826 1.48 2.44 17.21
N LYS A 838 7.93 3.69 31.15
CA LYS A 838 7.53 2.41 30.53
C LYS A 838 8.73 1.60 29.99
N GLU A 839 8.66 0.27 30.14
CA GLU A 839 9.71 -0.61 29.64
C GLU A 839 9.42 -0.93 28.18
N ARG A 840 10.45 -0.82 27.35
CA ARG A 840 10.34 -1.06 25.91
C ARG A 840 11.35 -2.11 25.43
N VAL A 841 11.11 -2.63 24.23
CA VAL A 841 11.96 -3.63 23.60
C VAL A 841 12.03 -3.34 22.07
N PRO A 842 13.22 -3.44 21.44
CA PRO A 842 13.33 -3.22 20.00
C PRO A 842 12.45 -4.16 19.17
N PHE A 843 12.36 -5.43 19.57
CA PHE A 843 11.58 -6.47 18.92
C PHE A 843 11.39 -7.66 19.85
N VAL A 844 10.55 -8.61 19.47
CA VAL A 844 10.26 -9.77 20.31
C VAL A 844 11.24 -10.92 20.05
N LEU A 845 12.21 -11.07 20.95
CA LEU A 845 13.17 -12.17 20.92
C LEU A 845 13.16 -12.71 22.32
N THR A 846 12.29 -13.68 22.56
CA THR A 846 12.07 -14.21 23.89
C THR A 846 12.82 -15.53 24.15
N PRO A 847 13.01 -15.90 25.43
CA PRO A 847 13.71 -17.15 25.78
C PRO A 847 13.20 -18.44 25.11
N ASP A 848 11.91 -18.49 24.77
CA ASP A 848 11.32 -19.64 24.09
C ASP A 848 11.76 -19.69 22.62
N PHE A 849 12.03 -18.50 22.03
CA PHE A 849 12.52 -18.38 20.65
C PHE A 849 13.97 -18.81 20.65
N LEU A 850 14.71 -18.36 21.64
CA LEU A 850 16.12 -18.66 21.77
C LEU A 850 16.38 -20.13 22.11
N PHE A 851 15.38 -20.84 22.69
CA PHE A 851 15.48 -22.25 23.06
C PHE A 851 15.40 -23.15 21.83
N VAL A 852 14.63 -22.71 20.83
CA VAL A 852 14.49 -23.39 19.53
C VAL A 852 15.84 -23.28 18.82
N MET A 853 16.58 -22.19 19.07
CA MET A 853 17.93 -21.97 18.53
C MET A 853 18.96 -22.75 19.37
N GLY A 854 18.57 -23.15 20.58
CA GLY A 854 19.38 -23.94 21.49
C GLY A 854 20.16 -23.12 22.50
N THR A 855 19.68 -21.91 22.82
CA THR A 855 20.35 -21.00 23.75
C THR A 855 19.51 -20.64 24.98
N SER A 856 20.17 -20.54 26.14
CA SER A 856 19.56 -20.16 27.42
C SER A 856 20.03 -18.77 27.87
N LYS A 859 24.43 -17.59 26.70
CA LYS A 859 25.23 -18.57 25.96
C LYS A 859 25.14 -18.31 24.44
N THR A 860 25.55 -19.28 23.59
CA THR A 860 25.47 -19.21 22.12
C THR A 860 25.34 -20.59 21.48
N SER A 861 24.81 -20.63 20.27
CA SER A 861 24.58 -21.88 19.53
C SER A 861 24.82 -21.71 18.03
N PRO A 862 25.19 -22.80 17.30
CA PRO A 862 25.39 -22.70 15.84
C PRO A 862 24.16 -22.12 15.10
N HIS A 863 22.95 -22.30 15.68
CA HIS A 863 21.70 -21.75 15.14
C HIS A 863 21.57 -20.26 15.47
N PHE A 864 21.91 -19.87 16.71
CA PHE A 864 21.88 -18.49 17.16
C PHE A 864 22.96 -17.65 16.46
N GLN A 865 24.13 -18.28 16.15
CA GLN A 865 25.22 -17.64 15.40
C GLN A 865 24.73 -17.38 13.98
N LYS A 866 23.97 -18.35 13.42
CA LYS A 866 23.33 -18.28 12.11
C LYS A 866 22.26 -17.19 12.16
N PHE A 867 21.52 -17.08 13.30
CA PHE A 867 20.48 -16.07 13.52
C PHE A 867 21.07 -14.65 13.46
N GLN A 868 22.15 -14.40 14.24
CA GLN A 868 22.82 -13.09 14.27
C GLN A 868 23.45 -12.76 12.93
N ASP A 869 23.97 -13.79 12.23
CA ASP A 869 24.56 -13.59 10.93
C ASP A 869 23.53 -13.18 9.88
N ILE A 870 22.31 -13.78 9.96
CA ILE A 870 21.20 -13.47 9.07
C ILE A 870 20.71 -12.05 9.37
N CYS A 871 20.52 -11.73 10.66
CA CYS A 871 20.06 -10.40 11.11
C CYS A 871 20.88 -9.26 10.55
N VAL A 872 22.21 -9.31 10.78
CA VAL A 872 23.18 -8.30 10.33
C VAL A 872 23.13 -8.19 8.82
N LYS A 873 23.27 -9.34 8.09
CA LYS A 873 23.21 -9.37 6.64
C LYS A 873 21.91 -8.79 6.09
N ALA A 874 20.78 -9.01 6.80
CA ALA A 874 19.48 -8.47 6.43
C ALA A 874 19.37 -6.98 6.74
N TYR A 875 19.81 -6.57 7.97
CA TYR A 875 19.77 -5.19 8.42
C TYR A 875 20.62 -4.25 7.54
N LEU A 876 21.84 -4.71 7.21
CA LEU A 876 22.76 -3.99 6.36
C LEU A 876 22.23 -3.93 4.94
N ALA A 877 21.56 -5.01 4.48
CA ALA A 877 20.95 -5.05 3.16
C ALA A 877 19.80 -3.98 3.04
N LEU A 878 19.01 -3.77 4.12
CA LEU A 878 17.95 -2.75 4.09
C LEU A 878 18.57 -1.36 4.14
N ARG A 879 19.73 -1.23 4.84
CA ARG A 879 20.43 0.06 4.95
C ARG A 879 21.00 0.49 3.58
N HIS A 880 21.20 -0.48 2.68
CA HIS A 880 21.64 -0.20 1.33
C HIS A 880 20.51 0.46 0.55
N HIS A 881 19.29 0.44 1.10
CA HIS A 881 18.12 1.06 0.47
C HIS A 881 17.49 2.04 1.43
N THR A 882 18.33 2.77 2.22
CA THR A 882 17.90 3.79 3.19
C THR A 882 16.87 4.76 2.60
N ASN A 883 17.27 5.49 1.58
CA ASN A 883 16.41 6.46 0.91
C ASN A 883 15.04 5.90 0.52
N LEU A 884 14.97 4.64 0.00
CA LEU A 884 13.69 4.05 -0.38
C LEU A 884 12.76 3.84 0.80
N LEU A 885 13.25 3.16 1.83
CA LEU A 885 12.48 2.87 3.03
C LEU A 885 12.01 4.13 3.77
N ILE A 886 12.89 5.16 3.81
CA ILE A 886 12.56 6.44 4.43
C ILE A 886 11.40 7.07 3.70
N ILE A 887 11.40 7.06 2.34
CA ILE A 887 10.33 7.63 1.54
C ILE A 887 9.04 6.86 1.71
N LEU A 888 9.12 5.50 1.58
CA LEU A 888 7.97 4.64 1.78
C LEU A 888 7.34 4.88 3.16
N PHE A 889 8.17 5.01 4.20
CA PHE A 889 7.71 5.26 5.55
C PHE A 889 7.08 6.64 5.69
N SER A 890 7.81 7.67 5.23
CA SER A 890 7.39 9.07 5.29
C SER A 890 5.96 9.19 4.69
N MET A 891 5.77 8.62 3.47
CA MET A 891 4.53 8.58 2.72
C MET A 891 3.46 7.75 3.41
N MET A 892 3.82 6.62 3.99
CA MET A 892 2.90 5.72 4.68
C MET A 892 2.22 6.40 5.82
N LEU A 893 2.97 7.20 6.63
CA LEU A 893 2.41 7.90 7.77
C LEU A 893 1.56 9.07 7.36
N MET A 894 1.89 9.71 6.21
CA MET A 894 1.11 10.85 5.74
C MET A 894 -0.25 10.46 5.17
N THR A 895 -0.33 9.27 4.57
CA THR A 895 -1.53 8.78 3.92
C THR A 895 -2.26 7.64 4.65
N GLY A 896 -1.62 7.08 5.66
CA GLY A 896 -2.17 5.93 6.37
C GLY A 896 -2.44 6.11 7.84
N MET A 897 -1.48 6.73 8.58
CA MET A 897 -1.59 6.94 10.03
C MET A 897 -2.18 8.30 10.41
N THR A 901 1.39 11.47 10.73
CA THR A 901 1.51 12.04 12.07
C THR A 901 2.62 13.14 12.13
N SER A 902 3.25 13.36 13.30
CA SER A 902 4.27 14.40 13.53
C SER A 902 5.62 14.13 12.88
N LYS A 903 6.48 15.19 12.76
CA LYS A 903 7.86 15.14 12.24
C LYS A 903 8.68 14.09 12.97
N GLU A 904 8.52 14.03 14.32
CA GLU A 904 9.21 13.12 15.26
C GLU A 904 8.85 11.65 15.00
N ASP A 905 7.61 11.40 14.54
CA ASP A 905 7.15 10.04 14.22
C ASP A 905 7.83 9.53 12.98
N ILE A 906 8.00 10.41 11.97
CA ILE A 906 8.63 10.11 10.68
C ILE A 906 10.14 9.90 10.81
N GLU A 907 10.79 10.71 11.65
CA GLU A 907 12.22 10.66 11.87
C GLU A 907 12.65 9.40 12.63
N TYR A 908 11.70 8.53 13.01
CA TYR A 908 12.01 7.29 13.74
C TYR A 908 12.95 6.39 12.91
N ILE A 909 12.59 6.19 11.63
CA ILE A 909 13.28 5.33 10.69
C ILE A 909 14.77 5.75 10.44
N ARG A 910 15.08 7.04 10.58
CA ARG A 910 16.43 7.58 10.40
C ARG A 910 17.34 7.01 11.49
N ASP A 911 16.90 7.07 12.74
CA ASP A 911 17.65 6.52 13.86
C ASP A 911 17.74 4.99 13.73
N ALA A 912 16.63 4.33 13.34
CA ALA A 912 16.51 2.87 13.20
C ALA A 912 17.42 2.35 12.13
N LEU A 913 17.63 3.15 11.07
CA LEU A 913 18.50 2.77 9.95
C LEU A 913 19.86 3.37 10.11
N THR A 914 20.12 3.99 11.28
CA THR A 914 21.41 4.58 11.66
C THR A 914 22.06 5.35 10.50
N VAL A 915 21.34 6.37 10.01
CA VAL A 915 21.78 7.21 8.91
C VAL A 915 23.05 7.95 9.33
N GLY A 916 24.07 7.84 8.49
CA GLY A 916 25.36 8.47 8.71
C GLY A 916 26.41 7.57 9.31
N LYS A 917 25.99 6.45 9.91
CA LYS A 917 26.92 5.48 10.50
C LYS A 917 27.46 4.54 9.43
N ASN A 918 28.70 4.04 9.63
CA ASN A 918 29.31 3.07 8.72
C ASN A 918 28.82 1.67 9.04
N GLU A 919 28.97 0.72 8.09
CA GLU A 919 28.54 -0.67 8.23
C GLU A 919 29.04 -1.36 9.51
N GLU A 920 30.35 -1.19 9.86
CA GLU A 920 30.93 -1.80 11.06
C GLU A 920 30.20 -1.29 12.32
N ASP A 921 30.04 0.05 12.42
CA ASP A 921 29.35 0.72 13.54
C ASP A 921 27.87 0.31 13.62
N ALA A 922 27.21 0.17 12.45
CA ALA A 922 25.82 -0.26 12.32
C ALA A 922 25.64 -1.74 12.62
N LYS A 923 26.66 -2.58 12.32
CA LYS A 923 26.64 -4.02 12.57
C LYS A 923 26.50 -4.25 14.05
N LYS A 924 27.30 -3.50 14.86
CA LYS A 924 27.31 -3.60 16.32
C LYS A 924 26.02 -3.05 16.91
N TYR A 925 25.48 -1.97 16.34
CA TYR A 925 24.22 -1.37 16.77
C TYR A 925 23.07 -2.38 16.86
N PHE A 926 22.88 -3.17 15.79
CA PHE A 926 21.82 -4.17 15.76
C PHE A 926 22.13 -5.33 16.67
N LEU A 927 23.42 -5.68 16.78
CA LEU A 927 23.86 -6.75 17.69
C LEU A 927 23.60 -6.37 19.14
N ASP A 928 23.63 -5.05 19.46
CA ASP A 928 23.30 -4.51 20.77
C ASP A 928 21.80 -4.64 21.02
N GLN A 929 20.99 -4.36 19.99
CA GLN A 929 19.53 -4.46 20.04
C GLN A 929 19.08 -5.87 20.36
N ILE A 930 19.79 -6.87 19.82
CA ILE A 930 19.51 -8.28 20.07
C ILE A 930 19.79 -8.54 21.55
N GLU A 931 20.93 -8.01 22.05
CA GLU A 931 21.40 -8.14 23.43
C GLU A 931 20.48 -7.46 24.45
N VAL A 932 19.68 -6.47 24.00
CA VAL A 932 18.71 -5.80 24.86
C VAL A 932 17.55 -6.78 25.14
N CYS A 933 17.11 -7.52 24.09
CA CYS A 933 16.04 -8.53 24.17
C CYS A 933 16.38 -9.65 25.16
N ARG A 934 17.65 -10.08 25.15
CA ARG A 934 18.14 -11.15 26.00
C ARG A 934 18.25 -10.68 27.44
N ASP A 935 18.52 -9.38 27.62
CA ASP A 935 18.66 -8.78 28.95
C ASP A 935 17.32 -8.35 29.55
N LYS A 936 16.28 -8.30 28.70
CA LYS A 936 14.94 -7.96 29.15
C LYS A 936 14.13 -9.22 29.49
N GLY A 937 14.42 -10.33 28.82
CA GLY A 937 13.73 -11.62 28.96
C GLY A 937 12.24 -11.60 28.64
N TRP A 938 11.44 -11.90 29.66
CA TRP A 938 9.98 -11.96 29.65
C TRP A 938 9.35 -10.69 30.21
N THR A 939 10.17 -9.75 30.73
CA THR A 939 9.68 -8.54 31.40
C THR A 939 8.59 -7.85 30.62
N VAL A 940 8.89 -7.54 29.36
CA VAL A 940 8.03 -6.81 28.46
C VAL A 940 6.78 -7.58 28.15
N GLN A 941 6.93 -8.90 27.87
CA GLN A 941 5.83 -9.78 27.51
C GLN A 941 4.83 -9.87 28.62
N PHE A 942 5.38 -10.02 29.84
CA PHE A 942 4.63 -10.10 31.08
C PHE A 942 3.88 -8.78 31.33
N ASN A 943 4.54 -7.64 31.11
CA ASN A 943 3.91 -6.34 31.26
C ASN A 943 2.80 -6.15 30.19
N TRP A 944 2.99 -6.68 28.96
CA TRP A 944 1.96 -6.65 27.92
C TRP A 944 0.72 -7.42 28.35
N PHE A 945 0.92 -8.60 29.00
CA PHE A 945 -0.14 -9.47 29.54
C PHE A 945 -0.96 -8.73 30.61
N LEU A 946 -0.26 -7.90 31.40
CA LEU A 946 -0.90 -7.13 32.46
C LEU A 946 -1.69 -5.98 31.84
N HIS A 947 -1.15 -5.40 30.76
CA HIS A 947 -1.77 -4.27 30.06
C HIS A 947 -3.10 -4.65 29.43
N LEU A 948 -3.12 -5.84 28.80
CA LEU A 948 -4.29 -6.36 28.10
C LEU A 948 -5.32 -7.04 29.05
N VAL A 949 -5.11 -6.93 30.40
CA VAL A 949 -5.97 -7.45 31.47
C VAL A 949 -6.11 -6.29 32.52
N LEU A 950 -6.23 -5.04 31.99
CA LEU A 950 -6.32 -3.76 32.71
C LEU A 950 -5.16 -3.53 33.69
C1 MBW B . -6.05 -18.52 14.83
C2 MBW B . -6.17 -16.04 15.38
C3 MBW B . -7.31 -15.10 15.00
N6 MBW B . -4.49 -10.07 11.91
C7 MBW B . -5.73 -17.11 13.08
C8 MBW B . -5.31 -16.28 11.00
C9 MBW B . -4.99 -13.88 10.60
C10 MBW B . -5.88 -13.26 11.41
C11 MBW B . -5.66 -10.07 12.62
C12 MBW B . -4.49 -11.29 11.39
C13 MBW B . -3.55 -11.94 10.54
C14 MBW B . -3.76 -13.21 10.14
C15 MBW B . -2.79 -13.92 9.24
C16 MBW B . -5.29 -18.54 11.25
O MBW B . -6.28 -18.94 15.94
N1 MBW B . -6.02 -17.18 14.43
C6 MBW B . -4.86 -15.29 15.64
C5 MBW B . -5.10 -14.23 16.67
O1 MBW B . -6.17 -13.35 16.31
C4 MBW B . -7.41 -14.09 16.12
C17 MBW B . -5.58 -18.42 12.61
N MBW B . -5.78 -19.26 13.70
C MBW B . -5.73 -20.72 13.68
N7 MBW B . -5.15 -17.49 10.43
N2 MBW B . -5.59 -16.04 12.29
N3 MBW B . -5.18 -15.17 10.18
N4 MBW B . -5.61 -11.98 11.78
N5 MBW B . -6.37 -11.18 12.59
#